data_8UCV
#
_entry.id   8UCV
#
_cell.length_a   1.00
_cell.length_b   1.00
_cell.length_c   1.00
_cell.angle_alpha   90.00
_cell.angle_beta   90.00
_cell.angle_gamma   90.00
#
_symmetry.space_group_name_H-M   'P 1'
#
loop_
_entity.id
_entity.type
_entity.pdbx_description
1 polymer 'DNA polymerase alpha catalytic subunit'
2 polymer 'DNA primase large subunit'
3 polymer 'DNA template'
4 polymer 'RNA-DNA/DNA primer'
5 non-polymer "2'-DEOXYGUANOSINE-5'-TRIPHOSPHATE"
6 non-polymer 'MAGNESIUM ION'
7 non-polymer 'IRON/SULFUR CLUSTER'
#
loop_
_entity_poly.entity_id
_entity_poly.type
_entity_poly.pdbx_seq_one_letter_code
_entity_poly.pdbx_strand_id
1 'polypeptide(L)'
;SNAADGSQVFRFYWLDAYEDQYSQPGVVYLFGKVWIESADAYVSCCVSVKNIERTVYLLPRENRVQLSTGKDTGAPVSMM
HVYQEFNEAVAEKYKIMKFKSKKVDKDYAFEIPDVPASSEYLEVRYSADSPQLPQDLKGETFSHVFGTNTSSLELFLLSR
KIKGPSWLEIKSPQLSSQPMSWCKVEAVVTRPDQVSVVKDLAPPPVVVLSLSMKTVQNAKTHQNEIVAIAALVHHTFPLD
KAPPQPPFQTHFCVLSKLNDCIFPYDYNEAVKQKNANIEIALTERTLLGFFLAKIHKIDPDVIVGHDIYGFDLEVLLQRI
NSCKVPFWSKIGRLRRSVMPKLGGRSGFAERNAACGRIICDIEISAKELIRCKSYHLSELVHQILKAERVVIPPENIRNA
YNDSVHLLYMLENTWIDAKFILQIMCELNVLPLALQITNIAGNVMSRTLMGGRSERNEYLLLHAFTENNFIVPDKPVFKK
MQQTTVEDNDDMGTDQNKNKSRKKAAYAGGLVLEPKVGFYDKFILLLDFNSLYPSIIQEYNICFTTVHREAPSTQKGEDQ
DEIPELPHSDLEMGILPREIRKLVERRRHVKQLMKQPDLNPDLYLQYDIRQKALKLTANSMYGCLGFSYSRFYAKPLAAL
VTHQGREILLHTKEMVQKMNLEVIYGDTDSIMINTNCNNLEEVFKLGNRVKSEINKSYKLLEIDIDGIFKSLLLLKKKKY
AALTVEPTGDGKYVTKQELKGLDIVRRDWCELAKQAGNYVISQILSDQPRDSIVENIQKKLTEIGENVTNGTVPITQYEI
NKALTKDPQDYPDKKSLPHVHVALWINSQGGRKVKAGDTISYVICQDGSNLSASQRAYAQEQLQKQENLSIDTQYYLSQQ
VHPVVARICEPIDGIDSALIAMWLGLDPSQFRAHRHYQQDEENDALLGGPSQLTDEEKYRDCERFKFFCPKCGTENIYDN
VFDGSGLQIEPGLKRCSKPECDASPLDYVIQVHNKLLLDIRRYIKKYYSGWLVCEEKTCQNRTRRLPLSFSRNGPICQAC
SKATLRSEYPEKALYTQLCFYRFIFDWDYALEKVVSEQERGHLKKKLFQESENQYKKLKSTVDQVLSRSGYSEVNLSKLF
QTLNTIK
;
A
2 'polypeptide(L)'
;MLFSRDRKYRHNTRLTGDRKGDLYPSSLQFYQHPPTENISLIEFETFAIERLKLLKAVENLGVSYVKNSEEYSKKLELEL
RKLKFPYRPLHEEISDDVYDLRRKDHISHFILRLAYCQSEDLRRWFIQQEMDLFKFRFGLLTKESVQEFLKLNDLQYVAI
SEDEKNMHKEDLMNSSFGLSLTKMEDTEFYKVPFQAALDLVRPRKVFLWRGFAFIPHKDIVSIVLNDFRAKLSKALALSA
RSLPVVQSDERLQPLLNHLSHSYIGQDFSSQSNTGKISLEQIDGFAAKSFPLCMRQLHKSLRENHHLRHGGRMQYGLFLK
GIGLTLEQALQFWRLEFTKGKVDSEKFDKVYAYSIRHNYGKEGKRTDYTPYSCMKVILSNPPSQGDYHGCPFRHSDPELL
KQKLQSFKVPSSGINQILELVKGMHYQLACQKYFELTHSVDDCGFSLNHPNQYFAESQKLLTGSREIKKEQTARDSPAVT
ASQLSSSSSSASIPKSQSSAPEMEDLEQIFSEY
;
B
3 'polydeoxyribonucleotide'
;(DT)(DG)(DT)(DA)(DT)(DG)(DT)(DA)(DT)(DG)(DT)(DA)(DT)(DG)(DT)(DC)(DG)(DC)(DT)(DA)
(DC)(DA)(DA)(DT)(DC)(DG)(DC)(DT)(DA)(DA)(DG)(DT)(DT)(DC)(DA)(DC)(DG)(DC)(DA)(DG)
(DT)(DA)(DT)(DC)(DC)(DT)(DG)(DT)(DA)(DT)(DG)(DT)(DA)(DT)(DG)(DT)(DA)(DT)(DG)
;
C
4 'polydeoxyribonucleotide/polyribonucleotide hybrid'
;(GTP)GAUACUGC(DG)(DT)(DG)(DA)(DA)(DC)(DT)(DT)(DA)(DG)(DC)(DG)(DA)(DT)(DT)(DG)
(DT)(DA)(DG)(DOC)
;
D
#
# COMPACT_ATOMS: atom_id res chain seq x y z
N GLN A 8 -27.34 49.14 -18.55
CA GLN A 8 -28.16 48.14 -17.88
C GLN A 8 -27.42 46.82 -17.78
N VAL A 9 -26.40 46.64 -18.61
CA VAL A 9 -25.60 45.41 -18.61
C VAL A 9 -24.77 45.37 -17.34
N PHE A 10 -24.17 44.21 -17.04
CA PHE A 10 -23.42 44.04 -15.81
C PHE A 10 -22.29 43.05 -16.07
N ARG A 11 -21.07 43.58 -16.21
CA ARG A 11 -19.91 42.80 -16.60
C ARG A 11 -19.07 42.46 -15.38
N PHE A 12 -18.80 41.17 -15.16
CA PHE A 12 -17.94 40.75 -14.07
C PHE A 12 -17.21 39.48 -14.46
N TYR A 13 -16.11 39.22 -13.75
CA TYR A 13 -15.24 38.08 -14.03
C TYR A 13 -15.49 37.04 -12.96
N TRP A 14 -16.19 35.97 -13.32
CA TRP A 14 -16.57 34.94 -12.35
C TRP A 14 -15.43 33.96 -12.14
N LEU A 15 -15.26 33.54 -10.89
CA LEU A 15 -14.18 32.63 -10.51
C LEU A 15 -14.67 31.29 -9.99
N ASP A 16 -15.71 31.28 -9.16
CA ASP A 16 -16.19 30.05 -8.56
C ASP A 16 -17.72 30.01 -8.58
N ALA A 17 -18.27 28.80 -8.63
CA ALA A 17 -19.70 28.60 -8.65
C ALA A 17 -20.08 27.56 -7.61
N TYR A 18 -21.15 27.83 -6.87
CA TYR A 18 -21.64 26.95 -5.81
C TYR A 18 -23.13 26.74 -5.97
N GLU A 19 -23.57 25.48 -5.84
CA GLU A 19 -24.98 25.14 -5.91
C GLU A 19 -25.32 24.18 -4.78
N ASP A 20 -26.48 24.37 -4.17
CA ASP A 20 -26.99 23.49 -3.12
C ASP A 20 -28.21 22.75 -3.64
N GLN A 21 -28.02 21.47 -3.99
CA GLN A 21 -29.08 20.73 -4.67
C GLN A 21 -30.33 20.60 -3.80
N TYR A 22 -30.16 20.58 -2.47
CA TYR A 22 -31.29 20.34 -1.57
C TYR A 22 -31.88 21.65 -1.03
N SER A 23 -31.03 22.54 -0.52
CA SER A 23 -31.53 23.77 0.08
C SER A 23 -32.29 24.62 -0.94
N GLN A 24 -31.61 25.07 -1.97
CA GLN A 24 -32.22 25.98 -2.96
C GLN A 24 -32.26 25.29 -4.32
N PRO A 25 -33.43 24.87 -4.80
CA PRO A 25 -33.48 24.17 -6.09
C PRO A 25 -33.51 25.14 -7.26
N GLY A 26 -32.69 24.82 -8.27
CA GLY A 26 -32.61 25.64 -9.46
C GLY A 26 -32.00 27.01 -9.25
N VAL A 27 -31.00 27.11 -8.39
CA VAL A 27 -30.30 28.36 -8.15
C VAL A 27 -28.80 28.08 -8.09
N VAL A 28 -28.02 28.89 -8.80
CA VAL A 28 -26.57 28.74 -8.83
C VAL A 28 -25.96 30.11 -8.57
N TYR A 29 -24.98 30.16 -7.68
CA TYR A 29 -24.29 31.40 -7.33
C TYR A 29 -22.92 31.45 -7.98
N LEU A 30 -22.64 32.53 -8.71
CA LEU A 30 -21.35 32.75 -9.33
C LEU A 30 -20.64 33.86 -8.57
N PHE A 31 -19.43 33.56 -8.10
CA PHE A 31 -18.63 34.51 -7.33
C PHE A 31 -17.48 34.99 -8.21
N GLY A 32 -17.26 36.29 -8.22
CA GLY A 32 -16.21 36.84 -9.03
C GLY A 32 -15.91 38.28 -8.69
N LYS A 33 -15.19 38.93 -9.61
CA LYS A 33 -14.72 40.30 -9.42
C LYS A 33 -15.43 41.20 -10.43
N VAL A 34 -15.80 42.39 -9.98
CA VAL A 34 -16.48 43.38 -10.81
C VAL A 34 -15.77 44.72 -10.63
N TRP A 35 -15.56 45.41 -11.74
CA TRP A 35 -14.90 46.71 -11.70
C TRP A 35 -15.90 47.80 -11.31
N ILE A 36 -15.64 48.47 -10.21
CA ILE A 36 -16.35 49.69 -9.84
C ILE A 36 -15.38 50.84 -10.06
N GLU A 37 -15.79 51.82 -10.87
CA GLU A 37 -14.92 52.96 -11.14
C GLU A 37 -14.64 53.75 -9.88
N SER A 38 -15.66 53.96 -9.04
CA SER A 38 -15.51 54.84 -7.90
C SER A 38 -14.35 54.41 -7.02
N ALA A 39 -14.25 53.13 -6.71
CA ALA A 39 -13.14 52.64 -5.92
C ALA A 39 -11.86 52.46 -6.73
N ASP A 40 -11.95 52.52 -8.06
CA ASP A 40 -10.77 52.38 -8.92
C ASP A 40 -10.04 51.08 -8.62
N ALA A 41 -10.81 50.03 -8.37
CA ALA A 41 -10.25 48.71 -8.11
C ALA A 41 -11.38 47.70 -8.22
N TYR A 42 -11.00 46.42 -8.30
CA TYR A 42 -11.99 45.36 -8.40
C TYR A 42 -12.55 45.01 -7.04
N VAL A 43 -13.83 44.64 -7.03
CA VAL A 43 -14.53 44.26 -5.80
C VAL A 43 -15.24 42.95 -6.03
N SER A 44 -15.24 42.08 -5.03
CA SER A 44 -15.91 40.79 -5.17
C SER A 44 -17.41 40.99 -5.30
N CYS A 45 -18.01 40.25 -6.22
CA CYS A 45 -19.45 40.31 -6.46
C CYS A 45 -19.99 38.89 -6.59
N CYS A 46 -21.24 38.72 -6.19
CA CYS A 46 -21.92 37.43 -6.26
C CYS A 46 -23.22 37.60 -7.05
N VAL A 47 -23.46 36.69 -7.98
CA VAL A 47 -24.65 36.72 -8.83
C VAL A 47 -25.42 35.42 -8.62
N SER A 48 -26.71 35.53 -8.34
CA SER A 48 -27.56 34.38 -8.10
C SER A 48 -28.43 34.18 -9.33
N VAL A 49 -28.11 33.16 -10.12
CA VAL A 49 -28.86 32.84 -11.32
C VAL A 49 -30.02 31.93 -10.90
N LYS A 50 -31.21 32.51 -10.84
CA LYS A 50 -32.39 31.81 -10.36
C LYS A 50 -33.12 31.15 -11.52
N ASN A 51 -34.13 30.35 -11.17
CA ASN A 51 -35.01 29.73 -12.15
C ASN A 51 -34.22 29.03 -13.25
N ILE A 52 -33.17 28.30 -12.86
CA ILE A 52 -32.44 27.48 -13.80
C ILE A 52 -33.23 26.19 -13.97
N GLU A 53 -34.11 26.17 -14.97
CA GLU A 53 -35.03 25.06 -15.11
C GLU A 53 -34.27 23.77 -15.42
N ARG A 54 -34.99 22.65 -15.33
CA ARG A 54 -34.41 21.34 -15.58
C ARG A 54 -34.97 20.80 -16.88
N THR A 55 -34.09 20.24 -17.71
CA THR A 55 -34.45 19.80 -19.06
C THR A 55 -34.24 18.30 -19.17
N VAL A 56 -35.16 17.65 -19.88
CA VAL A 56 -35.09 16.21 -20.13
C VAL A 56 -35.24 15.99 -21.62
N TYR A 57 -35.03 14.75 -22.05
CA TYR A 57 -35.16 14.37 -23.44
C TYR A 57 -35.77 12.98 -23.52
N LEU A 58 -36.81 12.84 -24.31
CA LEU A 58 -37.58 11.60 -24.40
C LEU A 58 -37.39 10.99 -25.77
N LEU A 59 -37.13 9.68 -25.81
CA LEU A 59 -36.88 8.98 -27.05
C LEU A 59 -38.13 8.22 -27.45
N PRO A 60 -38.82 8.61 -28.52
CA PRO A 60 -40.07 7.93 -28.86
C PRO A 60 -39.81 6.53 -29.42
N ARG A 61 -40.84 5.70 -29.31
CA ARG A 61 -40.82 4.38 -29.91
C ARG A 61 -41.12 4.47 -31.40
N GLU A 62 -40.80 3.39 -32.11
CA GLU A 62 -41.18 3.30 -33.51
C GLU A 62 -42.67 3.02 -33.65
N ASN A 63 -43.20 2.17 -32.77
CA ASN A 63 -44.62 1.84 -32.76
C ASN A 63 -45.07 1.72 -31.32
N ARG A 64 -46.35 1.98 -31.08
CA ARG A 64 -46.87 1.92 -29.71
C ARG A 64 -46.65 0.53 -29.15
N VAL A 65 -46.35 0.47 -27.85
CA VAL A 65 -46.07 -0.78 -27.16
C VAL A 65 -46.89 -0.82 -25.89
N GLN A 66 -47.57 -1.94 -25.66
CA GLN A 66 -48.29 -2.13 -24.41
C GLN A 66 -47.31 -2.22 -23.25
N LEU A 67 -47.59 -1.49 -22.17
CA LEU A 67 -46.62 -1.39 -21.09
C LEU A 67 -46.43 -2.72 -20.38
N SER A 68 -47.52 -3.43 -20.09
CA SER A 68 -47.43 -4.69 -19.36
C SER A 68 -47.33 -5.89 -20.28
N THR A 69 -48.15 -5.93 -21.34
CA THR A 69 -48.05 -7.01 -22.31
C THR A 69 -46.75 -6.98 -23.10
N GLY A 70 -46.07 -5.84 -23.12
CA GLY A 70 -44.84 -5.73 -23.90
C GLY A 70 -45.08 -6.01 -25.36
N LYS A 71 -46.21 -5.54 -25.88
CA LYS A 71 -46.64 -5.87 -27.23
C LYS A 71 -46.06 -4.87 -28.22
N ASP A 72 -46.53 -4.94 -29.48
CA ASP A 72 -46.20 -3.95 -30.51
C ASP A 72 -47.47 -3.76 -31.35
N THR A 73 -48.30 -2.80 -30.94
CA THR A 73 -49.59 -2.63 -31.58
C THR A 73 -49.46 -2.32 -33.06
N GLY A 74 -48.40 -1.60 -33.45
CA GLY A 74 -48.16 -1.24 -34.82
C GLY A 74 -48.47 0.20 -35.15
N ALA A 75 -49.14 0.94 -34.27
CA ALA A 75 -49.42 2.34 -34.52
C ALA A 75 -48.13 3.14 -34.52
N PRO A 76 -47.81 3.86 -35.59
CA PRO A 76 -46.61 4.71 -35.56
C PRO A 76 -46.70 5.74 -34.45
N VAL A 77 -45.55 6.03 -33.84
CA VAL A 77 -45.45 6.94 -32.72
C VAL A 77 -44.81 8.24 -33.21
N SER A 78 -45.57 9.32 -33.18
CA SER A 78 -45.08 10.65 -33.55
C SER A 78 -45.05 11.55 -32.32
N MET A 79 -44.44 12.73 -32.50
CA MET A 79 -44.21 13.62 -31.36
C MET A 79 -45.51 14.08 -30.72
N MET A 80 -46.58 14.20 -31.51
CA MET A 80 -47.88 14.55 -30.92
C MET A 80 -48.33 13.50 -29.93
N HIS A 81 -48.17 12.22 -30.30
CA HIS A 81 -48.53 11.14 -29.38
C HIS A 81 -47.65 11.15 -28.14
N VAL A 82 -46.36 11.44 -28.31
CA VAL A 82 -45.47 11.50 -27.16
C VAL A 82 -45.90 12.60 -26.21
N TYR A 83 -46.24 13.77 -26.74
CA TYR A 83 -46.69 14.86 -25.89
C TYR A 83 -48.00 14.48 -25.21
N GLN A 84 -48.87 13.78 -25.93
CA GLN A 84 -50.14 13.38 -25.33
C GLN A 84 -49.90 12.46 -24.15
N GLU A 85 -49.01 11.48 -24.31
CA GLU A 85 -48.73 10.55 -23.22
C GLU A 85 -48.12 11.27 -22.03
N PHE A 86 -47.13 12.12 -22.28
CA PHE A 86 -46.51 12.83 -21.15
C PHE A 86 -47.47 13.79 -20.49
N ASN A 87 -48.41 14.36 -21.25
CA ASN A 87 -49.38 15.30 -20.68
C ASN A 87 -50.46 14.58 -19.89
N GLU A 88 -50.84 13.37 -20.29
CA GLU A 88 -51.95 12.67 -19.65
C GLU A 88 -51.47 11.78 -18.51
N ALA A 89 -50.58 10.83 -18.80
CA ALA A 89 -50.20 9.85 -17.78
C ALA A 89 -49.12 10.41 -16.86
N VAL A 90 -47.96 10.75 -17.43
CA VAL A 90 -46.78 11.04 -16.61
C VAL A 90 -47.00 12.31 -15.81
N ALA A 91 -47.48 13.37 -16.46
CA ALA A 91 -47.65 14.64 -15.78
C ALA A 91 -48.55 14.48 -14.57
N GLU A 92 -49.66 13.75 -14.74
CA GLU A 92 -50.56 13.50 -13.62
C GLU A 92 -49.89 12.65 -12.55
N LYS A 93 -49.12 11.64 -12.96
CA LYS A 93 -48.54 10.72 -11.98
C LYS A 93 -47.51 11.42 -11.09
N TYR A 94 -46.64 12.24 -11.67
CA TYR A 94 -45.53 12.80 -10.92
C TYR A 94 -45.78 14.24 -10.46
N LYS A 95 -46.99 14.75 -10.60
CA LYS A 95 -47.37 16.04 -10.01
C LYS A 95 -46.44 17.15 -10.50
N ILE A 96 -46.35 17.28 -11.82
CA ILE A 96 -45.65 18.38 -12.46
C ILE A 96 -46.69 19.18 -13.24
N MET A 97 -46.81 20.47 -12.93
CA MET A 97 -47.94 21.26 -13.41
C MET A 97 -47.65 21.94 -14.74
N LYS A 98 -46.60 22.77 -14.79
CA LYS A 98 -46.27 23.53 -15.99
C LYS A 98 -44.95 23.05 -16.57
N PHE A 99 -44.94 22.89 -17.89
CA PHE A 99 -43.74 22.48 -18.60
C PHE A 99 -43.81 23.00 -20.02
N LYS A 100 -42.65 23.17 -20.64
CA LYS A 100 -42.55 23.64 -22.01
C LYS A 100 -42.04 22.50 -22.87
N SER A 101 -42.77 22.19 -23.94
CA SER A 101 -42.46 21.03 -24.77
C SER A 101 -42.16 21.49 -26.19
N LYS A 102 -41.11 20.91 -26.78
CA LYS A 102 -40.77 21.16 -28.17
C LYS A 102 -40.14 19.91 -28.75
N LYS A 103 -40.21 19.79 -30.08
CA LYS A 103 -39.52 18.73 -30.79
C LYS A 103 -38.14 19.22 -31.20
N VAL A 104 -37.11 18.42 -30.90
CA VAL A 104 -35.73 18.77 -31.20
C VAL A 104 -34.98 17.52 -31.63
N ASP A 105 -34.19 17.65 -32.69
CA ASP A 105 -33.43 16.52 -33.23
C ASP A 105 -32.01 16.57 -32.70
N LYS A 106 -31.59 15.50 -32.04
CA LYS A 106 -30.27 15.44 -31.39
C LYS A 106 -29.56 14.16 -31.76
N ASP A 107 -28.25 14.19 -31.62
CA ASP A 107 -27.38 13.05 -31.93
C ASP A 107 -27.01 12.33 -30.63
N TYR A 108 -26.63 11.06 -30.78
CA TYR A 108 -26.34 10.24 -29.60
C TYR A 108 -25.47 9.07 -30.02
N ALA A 109 -24.33 8.91 -29.35
CA ALA A 109 -23.48 7.74 -29.56
C ALA A 109 -22.80 7.43 -28.22
N PHE A 110 -23.44 6.59 -27.42
CA PHE A 110 -22.95 6.21 -26.10
C PHE A 110 -23.57 4.87 -25.72
N GLU A 111 -23.44 4.50 -24.44
CA GLU A 111 -23.74 3.13 -23.99
C GLU A 111 -25.14 3.07 -23.40
N ILE A 112 -26.14 3.09 -24.28
CA ILE A 112 -27.51 2.76 -23.91
C ILE A 112 -28.14 2.06 -25.11
N PRO A 113 -28.46 0.78 -25.00
CA PRO A 113 -28.83 0.02 -26.21
C PRO A 113 -30.13 0.50 -26.83
N ASP A 114 -30.21 0.35 -28.15
CA ASP A 114 -31.43 0.65 -28.90
C ASP A 114 -31.73 2.14 -28.98
N VAL A 115 -30.70 2.98 -28.94
CA VAL A 115 -30.84 4.41 -29.10
C VAL A 115 -30.23 4.81 -30.44
N PRO A 116 -31.00 5.31 -31.40
CA PRO A 116 -30.43 5.60 -32.72
C PRO A 116 -29.43 6.74 -32.66
N ALA A 117 -28.58 6.78 -33.69
CA ALA A 117 -27.57 7.83 -33.75
C ALA A 117 -28.19 9.22 -33.81
N SER A 118 -29.24 9.38 -34.60
CA SER A 118 -29.98 10.64 -34.68
C SER A 118 -31.47 10.35 -34.60
N SER A 119 -32.16 11.16 -33.80
CA SER A 119 -33.60 10.99 -33.61
C SER A 119 -34.17 12.27 -33.05
N GLU A 120 -35.49 12.39 -33.12
CA GLU A 120 -36.20 13.55 -32.62
C GLU A 120 -36.80 13.24 -31.26
N TYR A 121 -36.62 14.15 -30.31
CA TYR A 121 -37.10 13.99 -28.96
C TYR A 121 -37.99 15.18 -28.58
N LEU A 122 -38.83 14.97 -27.57
CA LEU A 122 -39.72 16.01 -27.06
C LEU A 122 -39.01 16.65 -25.88
N GLU A 123 -38.23 17.69 -26.14
CA GLU A 123 -37.53 18.38 -25.07
C GLU A 123 -38.55 19.04 -24.16
N VAL A 124 -38.53 18.67 -22.89
CA VAL A 124 -39.45 19.21 -21.89
C VAL A 124 -38.64 19.83 -20.78
N ARG A 125 -38.97 21.07 -20.41
CA ARG A 125 -38.35 21.74 -19.28
C ARG A 125 -39.42 22.16 -18.29
N TYR A 126 -39.08 22.10 -17.01
CA TYR A 126 -39.97 22.57 -15.96
C TYR A 126 -39.12 22.96 -14.76
N SER A 127 -39.73 23.71 -13.85
CA SER A 127 -38.99 24.29 -12.74
C SER A 127 -38.31 23.21 -11.92
N ALA A 128 -37.10 23.53 -11.44
CA ALA A 128 -36.35 22.60 -10.61
C ALA A 128 -37.03 22.31 -9.29
N ASP A 129 -38.05 23.09 -8.92
CA ASP A 129 -38.80 22.80 -7.70
C ASP A 129 -39.71 21.59 -7.89
N SER A 130 -40.13 21.31 -9.12
CA SER A 130 -40.96 20.15 -9.39
C SER A 130 -40.15 18.87 -9.20
N PRO A 131 -40.81 17.75 -8.95
CA PRO A 131 -40.09 16.50 -8.70
C PRO A 131 -39.30 16.03 -9.91
N GLN A 132 -38.22 15.30 -9.63
CA GLN A 132 -37.32 14.80 -10.67
C GLN A 132 -37.79 13.42 -11.12
N LEU A 133 -37.85 13.21 -12.44
CA LEU A 133 -38.37 11.98 -12.96
C LEU A 133 -37.42 10.81 -12.66
N PRO A 134 -37.94 9.59 -12.56
CA PRO A 134 -37.06 8.44 -12.33
C PRO A 134 -36.18 8.15 -13.52
N GLN A 135 -34.97 7.66 -13.23
CA GLN A 135 -33.99 7.46 -14.29
C GLN A 135 -34.38 6.33 -15.24
N ASP A 136 -35.15 5.35 -14.76
CA ASP A 136 -35.54 4.20 -15.57
C ASP A 136 -36.95 4.36 -16.12
N LEU A 137 -37.42 5.59 -16.27
CA LEU A 137 -38.80 5.82 -16.68
C LEU A 137 -39.05 5.26 -18.07
N LYS A 138 -40.27 4.80 -18.30
CA LYS A 138 -40.67 4.30 -19.62
C LYS A 138 -42.17 4.48 -19.77
N GLY A 139 -42.63 4.31 -21.01
CA GLY A 139 -44.04 4.38 -21.31
C GLY A 139 -44.30 3.75 -22.66
N GLU A 140 -45.58 3.74 -23.04
CA GLU A 140 -45.94 3.16 -24.32
C GLU A 140 -45.33 3.92 -25.49
N THR A 141 -45.26 5.25 -25.40
CA THR A 141 -44.86 6.08 -26.52
C THR A 141 -43.38 6.41 -26.53
N PHE A 142 -42.68 6.20 -25.42
CA PHE A 142 -41.26 6.52 -25.31
C PHE A 142 -40.52 5.36 -24.68
N SER A 143 -39.28 5.15 -25.09
CA SER A 143 -38.46 4.06 -24.58
C SER A 143 -37.34 4.54 -23.67
N HIS A 144 -37.22 5.84 -23.39
CA HIS A 144 -36.13 6.30 -22.55
C HIS A 144 -36.31 7.78 -22.25
N VAL A 145 -35.82 8.18 -21.08
CA VAL A 145 -35.80 9.58 -20.66
C VAL A 145 -34.40 9.90 -20.17
N PHE A 146 -33.85 11.01 -20.64
CA PHE A 146 -32.48 11.40 -20.34
C PHE A 146 -32.44 12.62 -19.43
N GLY A 147 -31.24 12.95 -19.00
CA GLY A 147 -31.02 14.17 -18.24
C GLY A 147 -31.85 14.29 -17.00
N THR A 148 -32.38 13.17 -16.49
CA THR A 148 -33.31 13.25 -15.36
C THR A 148 -32.63 13.77 -14.12
N ASN A 149 -31.37 13.39 -13.89
CA ASN A 149 -30.65 13.74 -12.68
C ASN A 149 -29.61 14.83 -12.92
N THR A 150 -29.85 15.70 -13.89
CA THR A 150 -28.84 16.69 -14.26
C THR A 150 -28.75 17.77 -13.20
N SER A 151 -27.53 18.06 -12.76
CA SER A 151 -27.31 19.09 -11.77
C SER A 151 -27.60 20.47 -12.36
N SER A 152 -28.12 21.36 -11.53
CA SER A 152 -28.44 22.70 -12.00
C SER A 152 -27.20 23.42 -12.48
N LEU A 153 -26.08 23.25 -11.78
CA LEU A 153 -24.84 23.87 -12.22
C LEU A 153 -24.42 23.36 -13.59
N GLU A 154 -24.50 22.05 -13.80
CA GLU A 154 -24.14 21.49 -15.10
C GLU A 154 -25.06 21.99 -16.20
N LEU A 155 -26.37 22.01 -15.93
CA LEU A 155 -27.32 22.50 -16.93
C LEU A 155 -27.01 23.95 -17.29
N PHE A 156 -26.76 24.79 -16.29
CA PHE A 156 -26.45 26.19 -16.54
C PHE A 156 -25.16 26.33 -17.36
N LEU A 157 -24.10 25.64 -16.93
CA LEU A 157 -22.82 25.79 -17.60
C LEU A 157 -22.90 25.33 -19.05
N LEU A 158 -23.58 24.21 -19.32
CA LEU A 158 -23.67 23.73 -20.68
C LEU A 158 -24.66 24.53 -21.51
N SER A 159 -25.65 25.16 -20.87
CA SER A 159 -26.63 25.95 -21.61
C SER A 159 -26.04 27.27 -22.06
N ARG A 160 -25.25 27.91 -21.21
CA ARG A 160 -24.63 29.18 -21.54
C ARG A 160 -23.22 29.02 -22.10
N LYS A 161 -22.78 27.79 -22.36
CA LYS A 161 -21.49 27.55 -23.01
C LYS A 161 -20.36 28.22 -22.25
N ILE A 162 -20.43 28.16 -20.92
CA ILE A 162 -19.42 28.76 -20.06
C ILE A 162 -18.29 27.74 -19.87
N LYS A 163 -17.07 28.16 -20.18
CA LYS A 163 -15.92 27.27 -20.25
C LYS A 163 -14.79 27.89 -19.44
N GLY A 164 -14.76 27.60 -18.15
CA GLY A 164 -13.72 28.09 -17.27
C GLY A 164 -13.91 29.54 -16.92
N PRO A 165 -13.12 30.05 -15.99
CA PRO A 165 -13.23 31.47 -15.63
C PRO A 165 -13.01 32.36 -16.84
N SER A 166 -13.80 33.42 -16.91
CA SER A 166 -13.80 34.32 -18.05
C SER A 166 -14.75 35.47 -17.73
N TRP A 167 -14.69 36.51 -18.58
CA TRP A 167 -15.55 37.66 -18.39
C TRP A 167 -16.97 37.33 -18.81
N LEU A 168 -17.94 37.80 -18.03
CA LEU A 168 -19.35 37.50 -18.26
C LEU A 168 -20.12 38.81 -18.38
N GLU A 169 -21.15 38.78 -19.22
CA GLU A 169 -22.06 39.90 -19.41
C GLU A 169 -23.45 39.48 -18.97
N ILE A 170 -24.01 40.20 -18.00
CA ILE A 170 -25.32 39.90 -17.45
C ILE A 170 -26.28 40.98 -17.90
N LYS A 171 -27.47 40.57 -18.32
CA LYS A 171 -28.49 41.48 -18.82
C LYS A 171 -29.58 41.65 -17.77
N SER A 172 -30.06 42.88 -17.61
CA SER A 172 -31.18 43.18 -16.72
C SER A 172 -30.92 42.66 -15.30
N PRO A 173 -29.84 43.09 -14.66
CA PRO A 173 -29.60 42.69 -13.28
C PRO A 173 -30.61 43.33 -12.35
N GLN A 174 -30.90 42.64 -11.26
CA GLN A 174 -31.79 43.13 -10.22
C GLN A 174 -31.08 43.00 -8.88
N LEU A 175 -31.65 43.67 -7.86
CA LEU A 175 -31.06 43.68 -6.53
C LEU A 175 -31.81 42.73 -5.60
N SER A 176 -31.06 42.13 -4.69
CA SER A 176 -31.63 41.18 -3.74
C SER A 176 -32.41 41.91 -2.65
N SER A 177 -33.54 41.32 -2.27
CA SER A 177 -34.36 41.93 -1.23
C SER A 177 -33.56 42.07 0.07
N GLN A 178 -32.94 41.00 0.51
CA GLN A 178 -32.07 41.03 1.67
C GLN A 178 -30.72 40.41 1.33
N PRO A 179 -29.65 40.84 2.00
CA PRO A 179 -28.33 40.31 1.65
C PRO A 179 -28.27 38.79 1.75
N MET A 180 -27.58 38.19 0.78
CA MET A 180 -27.41 36.75 0.74
C MET A 180 -25.94 36.33 0.71
N SER A 181 -25.04 37.26 0.42
CA SER A 181 -23.62 36.94 0.34
C SER A 181 -22.83 37.98 1.12
N TRP A 182 -21.61 37.60 1.50
CA TRP A 182 -20.70 38.48 2.19
C TRP A 182 -19.87 39.34 1.26
N CYS A 183 -20.25 39.43 -0.02
CA CYS A 183 -19.50 40.20 -0.98
C CYS A 183 -19.94 41.67 -0.94
N LYS A 184 -19.37 42.48 -1.83
CA LYS A 184 -19.65 43.91 -1.85
C LYS A 184 -20.78 44.27 -2.79
N VAL A 185 -20.93 43.55 -3.91
CA VAL A 185 -22.00 43.79 -4.86
C VAL A 185 -22.73 42.48 -5.10
N GLU A 186 -24.06 42.55 -5.14
CA GLU A 186 -24.89 41.39 -5.39
C GLU A 186 -25.87 41.70 -6.51
N ALA A 187 -26.28 40.65 -7.23
CA ALA A 187 -27.18 40.82 -8.36
C ALA A 187 -27.93 39.52 -8.60
N VAL A 188 -29.19 39.64 -8.97
CA VAL A 188 -30.07 38.50 -9.20
C VAL A 188 -30.42 38.46 -10.68
N VAL A 189 -30.23 37.30 -11.30
CA VAL A 189 -30.59 37.07 -12.70
C VAL A 189 -31.83 36.18 -12.72
N THR A 190 -32.86 36.62 -13.44
CA THR A 190 -34.13 35.93 -13.46
C THR A 190 -34.17 34.74 -14.41
N ARG A 191 -33.20 34.61 -15.31
CA ARG A 191 -33.23 33.51 -16.27
C ARG A 191 -31.84 33.18 -16.78
N PRO A 192 -31.58 31.91 -17.13
CA PRO A 192 -30.27 31.58 -17.70
C PRO A 192 -29.93 32.33 -18.97
N ASP A 193 -30.94 32.64 -19.79
CA ASP A 193 -30.70 33.34 -21.05
C ASP A 193 -30.08 34.72 -20.85
N GLN A 194 -30.19 35.30 -19.66
CA GLN A 194 -29.72 36.66 -19.45
C GLN A 194 -28.22 36.73 -19.18
N VAL A 195 -27.54 35.58 -19.09
CA VAL A 195 -26.11 35.52 -18.83
C VAL A 195 -25.40 35.15 -20.13
N SER A 196 -24.40 35.95 -20.50
CA SER A 196 -23.63 35.70 -21.71
C SER A 196 -22.14 35.78 -21.38
N VAL A 197 -21.32 35.33 -22.33
CA VAL A 197 -19.87 35.31 -22.19
C VAL A 197 -19.27 36.30 -23.18
N VAL A 198 -18.29 37.07 -22.72
CA VAL A 198 -17.54 37.98 -23.57
C VAL A 198 -16.08 37.52 -23.58
N LYS A 199 -15.48 37.49 -24.76
CA LYS A 199 -14.14 36.95 -24.96
C LYS A 199 -13.12 38.07 -25.15
N ASP A 200 -11.86 37.67 -25.16
CA ASP A 200 -10.75 38.55 -25.52
C ASP A 200 -10.62 39.71 -24.52
N LEU A 201 -10.48 39.36 -23.24
CA LEU A 201 -10.14 40.32 -22.21
C LEU A 201 -9.30 39.62 -21.15
N ALA A 202 -8.28 40.31 -20.66
CA ALA A 202 -7.37 39.72 -19.70
C ALA A 202 -8.09 39.47 -18.37
N PRO A 203 -7.73 38.39 -17.66
CA PRO A 203 -8.30 38.19 -16.33
C PRO A 203 -7.81 39.27 -15.37
N PRO A 204 -8.61 39.65 -14.40
CA PRO A 204 -8.18 40.66 -13.43
C PRO A 204 -7.39 40.03 -12.31
N PRO A 205 -6.43 40.75 -11.73
CA PRO A 205 -5.73 40.22 -10.56
C PRO A 205 -6.69 39.98 -9.41
N VAL A 206 -6.41 38.95 -8.62
CA VAL A 206 -7.28 38.55 -7.52
C VAL A 206 -6.49 38.64 -6.23
N VAL A 207 -7.21 38.51 -5.12
CA VAL A 207 -6.61 38.57 -3.78
C VAL A 207 -6.26 37.15 -3.35
N VAL A 208 -5.02 36.97 -2.92
CA VAL A 208 -4.53 35.67 -2.46
C VAL A 208 -4.11 35.82 -1.00
N LEU A 209 -4.63 34.93 -0.15
CA LEU A 209 -4.31 34.95 1.27
C LEU A 209 -3.64 33.65 1.64
N SER A 210 -2.40 33.72 2.08
CA SER A 210 -1.64 32.54 2.50
C SER A 210 -1.61 32.53 4.03
N LEU A 211 -2.12 31.47 4.63
CA LEU A 211 -2.25 31.38 6.08
C LEU A 211 -1.57 30.11 6.56
N SER A 212 -0.79 30.24 7.63
CA SER A 212 -0.21 29.11 8.34
C SER A 212 -0.52 29.27 9.82
N MET A 213 -0.89 28.17 10.46
CA MET A 213 -1.30 28.19 11.85
C MET A 213 -0.53 27.15 12.65
N LYS A 214 -0.41 27.40 13.94
CA LYS A 214 0.22 26.50 14.88
C LYS A 214 -0.80 26.08 15.93
N THR A 215 -0.92 24.77 16.15
CA THR A 215 -1.94 24.23 17.03
C THR A 215 -1.29 23.32 18.06
N VAL A 216 -1.89 23.27 19.25
CA VAL A 216 -1.49 22.37 20.31
C VAL A 216 -2.67 21.47 20.64
N GLN A 217 -2.44 20.16 20.61
CA GLN A 217 -3.53 19.21 20.83
C GLN A 217 -3.93 19.18 22.29
N ASN A 218 -5.22 19.02 22.54
CA ASN A 218 -5.76 18.86 23.88
C ASN A 218 -5.94 17.36 24.11
N ALA A 219 -4.89 16.72 24.62
CA ALA A 219 -4.91 15.28 24.83
C ALA A 219 -6.02 14.87 25.78
N LYS A 220 -6.51 15.79 26.62
CA LYS A 220 -7.69 15.50 27.41
C LYS A 220 -8.85 15.06 26.51
N THR A 221 -8.99 15.72 25.36
CA THR A 221 -9.92 15.29 24.31
C THR A 221 -9.22 15.02 22.99
N HIS A 222 -7.90 15.11 22.94
CA HIS A 222 -7.14 14.98 21.70
C HIS A 222 -7.66 15.94 20.64
N GLN A 223 -8.25 17.05 21.08
CA GLN A 223 -8.76 18.08 20.19
C GLN A 223 -7.63 19.07 19.91
N ASN A 224 -7.51 19.49 18.66
CA ASN A 224 -6.40 20.34 18.24
C ASN A 224 -6.85 21.79 18.29
N GLU A 225 -6.26 22.55 19.22
CA GLU A 225 -6.58 23.95 19.43
C GLU A 225 -5.57 24.85 18.73
N ILE A 226 -6.06 25.89 18.07
CA ILE A 226 -5.20 26.83 17.37
C ILE A 226 -4.67 27.85 18.36
N VAL A 227 -3.38 28.17 18.23
CA VAL A 227 -2.74 29.15 19.13
C VAL A 227 -2.06 30.27 18.37
N ALA A 228 -2.04 30.25 17.04
CA ALA A 228 -1.42 31.31 16.27
C ALA A 228 -1.75 31.12 14.80
N ILE A 229 -1.93 32.22 14.08
CA ILE A 229 -2.24 32.20 12.65
C ILE A 229 -1.46 33.32 11.98
N ALA A 230 -0.41 32.97 11.25
CA ALA A 230 0.36 33.93 10.47
C ALA A 230 -0.18 33.95 9.05
N ALA A 231 -0.61 35.12 8.59
CA ALA A 231 -1.28 35.25 7.31
C ALA A 231 -0.64 36.34 6.47
N LEU A 232 -0.42 36.01 5.19
CA LEU A 232 0.15 36.94 4.21
C LEU A 232 -0.87 37.14 3.10
N VAL A 233 -1.00 38.38 2.62
CA VAL A 233 -2.01 38.74 1.64
C VAL A 233 -1.39 39.64 0.58
N HIS A 234 -1.78 39.42 -0.68
CA HIS A 234 -1.45 40.31 -1.78
C HIS A 234 -2.74 40.58 -2.55
N HIS A 235 -3.07 41.87 -2.75
CA HIS A 235 -4.39 42.25 -3.24
C HIS A 235 -4.47 42.33 -4.76
N THR A 236 -3.36 42.25 -5.47
CA THR A 236 -3.35 42.38 -6.93
C THR A 236 -2.50 41.28 -7.55
N PHE A 237 -2.72 40.05 -7.11
CA PHE A 237 -1.98 38.91 -7.65
C PHE A 237 -2.45 38.63 -9.06
N PRO A 238 -1.57 38.61 -10.06
CA PRO A 238 -2.02 38.34 -11.43
C PRO A 238 -2.37 36.88 -11.65
N LEU A 239 -3.25 36.64 -12.62
CA LEU A 239 -3.66 35.30 -13.01
C LEU A 239 -3.22 34.95 -14.42
N ASP A 240 -2.52 35.85 -15.11
CA ASP A 240 -2.04 35.57 -16.46
C ASP A 240 -0.61 36.08 -16.69
N LYS A 241 0.06 36.57 -15.65
CA LYS A 241 1.41 37.07 -15.78
C LYS A 241 2.31 36.38 -14.77
N ALA A 242 3.56 36.80 -14.67
CA ALA A 242 4.44 36.13 -13.72
C ALA A 242 4.12 36.60 -12.30
N PRO A 243 4.42 35.78 -11.30
CA PRO A 243 4.18 36.19 -9.92
C PRO A 243 5.00 37.42 -9.57
N PRO A 244 4.46 38.34 -8.78
CA PRO A 244 5.21 39.53 -8.41
C PRO A 244 6.28 39.21 -7.38
N GLN A 245 7.29 40.08 -7.33
CA GLN A 245 8.38 39.95 -6.37
C GLN A 245 8.49 41.28 -5.63
N PRO A 246 8.29 41.30 -4.30
CA PRO A 246 7.99 40.18 -3.41
C PRO A 246 6.55 39.71 -3.60
N PRO A 247 6.29 38.43 -3.28
CA PRO A 247 4.95 37.88 -3.55
C PRO A 247 3.84 38.52 -2.74
N PHE A 248 4.15 39.18 -1.64
CA PHE A 248 3.14 39.63 -0.69
C PHE A 248 3.19 41.14 -0.53
N GLN A 249 2.02 41.74 -0.34
CA GLN A 249 1.88 43.18 -0.17
C GLN A 249 1.85 43.58 1.30
N THR A 250 0.97 42.95 2.08
CA THR A 250 0.85 43.21 3.50
C THR A 250 0.55 41.89 4.21
N HIS A 251 0.46 41.94 5.52
CA HIS A 251 0.30 40.72 6.32
C HIS A 251 -0.33 41.07 7.66
N PHE A 252 -0.85 40.04 8.32
CA PHE A 252 -1.39 40.19 9.66
C PHE A 252 -1.15 38.91 10.43
N CYS A 253 -0.84 39.04 11.72
CA CYS A 253 -0.59 37.91 12.60
C CYS A 253 -1.50 38.01 13.82
N VAL A 254 -2.03 36.87 14.24
CA VAL A 254 -2.87 36.80 15.43
C VAL A 254 -2.34 35.69 16.33
N LEU A 255 -2.18 35.99 17.61
CA LEU A 255 -1.58 35.08 18.58
C LEU A 255 -2.48 35.00 19.80
N SER A 256 -2.64 33.80 20.35
CA SER A 256 -3.47 33.57 21.53
C SER A 256 -2.68 32.81 22.58
N LYS A 257 -3.34 32.57 23.71
CA LYS A 257 -2.77 31.79 24.81
C LYS A 257 -3.54 30.50 24.98
N LEU A 258 -2.96 29.60 25.78
CA LEU A 258 -3.56 28.30 26.04
C LEU A 258 -4.76 28.49 26.97
N ASN A 259 -5.33 27.38 27.43
CA ASN A 259 -6.50 27.45 28.30
C ASN A 259 -6.10 27.86 29.71
N ASP A 260 -4.99 27.32 30.22
CA ASP A 260 -4.55 27.57 31.58
C ASP A 260 -3.29 28.41 31.68
N CYS A 261 -2.38 28.28 30.72
CA CYS A 261 -1.11 29.00 30.77
C CYS A 261 -1.33 30.49 30.54
N ILE A 262 -0.28 31.27 30.82
CA ILE A 262 -0.33 32.72 30.74
C ILE A 262 0.85 33.22 29.91
N PHE A 263 0.71 34.45 29.43
CA PHE A 263 1.75 35.05 28.61
C PHE A 263 2.97 35.38 29.47
N PRO A 264 4.14 35.45 28.86
CA PRO A 264 5.32 35.95 29.59
C PRO A 264 5.06 37.32 30.19
N TYR A 265 6.00 37.75 31.03
CA TYR A 265 5.82 38.98 31.80
C TYR A 265 5.53 40.17 30.88
N ASP A 266 6.47 40.48 29.98
CA ASP A 266 6.40 41.67 29.14
C ASP A 266 6.13 41.31 27.68
N TYR A 267 5.23 40.35 27.46
CA TYR A 267 4.82 40.02 26.10
C TYR A 267 4.38 41.27 25.34
N ASN A 268 3.70 42.18 26.04
CA ASN A 268 3.16 43.36 25.37
C ASN A 268 4.28 44.23 24.79
N GLU A 269 5.32 44.47 25.58
CA GLU A 269 6.42 45.32 25.11
C GLU A 269 7.10 44.69 23.90
N ALA A 270 7.35 43.38 23.95
CA ALA A 270 8.00 42.73 22.83
C ALA A 270 7.13 42.77 21.58
N VAL A 271 5.82 42.56 21.73
CA VAL A 271 4.93 42.62 20.58
C VAL A 271 4.93 44.03 19.99
N LYS A 272 4.88 45.04 20.85
CA LYS A 272 4.91 46.42 20.36
C LYS A 272 6.21 46.72 19.64
N GLN A 273 7.33 46.24 20.18
CA GLN A 273 8.62 46.45 19.52
C GLN A 273 8.70 45.71 18.19
N LYS A 274 7.95 44.61 18.05
CA LYS A 274 8.00 43.87 16.80
C LYS A 274 7.54 44.74 15.63
N ASN A 275 6.68 45.71 15.90
CA ASN A 275 6.19 46.70 14.93
C ASN A 275 5.25 46.09 13.90
N ALA A 276 4.80 44.86 14.10
CA ALA A 276 3.94 44.18 13.15
C ALA A 276 2.47 44.32 13.55
N ASN A 277 1.59 43.93 12.62
CA ASN A 277 0.15 44.00 12.85
C ASN A 277 -0.32 42.78 13.65
N ILE A 278 0.27 42.63 14.83
CA ILE A 278 -0.05 41.53 15.73
C ILE A 278 -1.24 41.91 16.59
N GLU A 279 -2.25 41.05 16.63
CA GLU A 279 -3.41 41.21 17.49
C GLU A 279 -3.45 39.99 18.41
N ILE A 280 -3.35 40.24 19.71
CA ILE A 280 -3.34 39.17 20.70
C ILE A 280 -4.77 38.88 21.14
N ALA A 281 -5.21 37.64 20.93
CA ALA A 281 -6.54 37.20 21.31
C ALA A 281 -6.49 36.51 22.66
N LEU A 282 -7.33 36.95 23.59
CA LEU A 282 -7.30 36.38 24.93
C LEU A 282 -7.62 34.90 24.89
N THR A 283 -8.66 34.52 24.16
CA THR A 283 -9.14 33.15 24.11
C THR A 283 -9.26 32.74 22.66
N GLU A 284 -9.22 31.41 22.43
CA GLU A 284 -9.37 30.91 21.08
C GLU A 284 -10.65 31.42 20.44
N ARG A 285 -11.69 31.65 21.24
CA ARG A 285 -12.90 32.28 20.73
C ARG A 285 -12.60 33.65 20.12
N THR A 286 -11.87 34.48 20.86
CA THR A 286 -11.52 35.80 20.35
C THR A 286 -10.61 35.69 19.14
N LEU A 287 -9.69 34.73 19.15
CA LEU A 287 -8.80 34.55 18.00
C LEU A 287 -9.60 34.21 16.75
N LEU A 288 -10.53 33.27 16.87
CA LEU A 288 -11.34 32.90 15.71
C LEU A 288 -12.23 34.05 15.25
N GLY A 289 -12.79 34.82 16.19
CA GLY A 289 -13.57 35.97 15.78
C GLY A 289 -12.75 37.00 15.03
N PHE A 290 -11.54 37.28 15.53
CA PHE A 290 -10.66 38.23 14.86
C PHE A 290 -10.25 37.71 13.49
N PHE A 291 -9.94 36.42 13.39
CA PHE A 291 -9.55 35.85 12.10
C PHE A 291 -10.71 35.94 11.10
N LEU A 292 -11.92 35.64 11.55
CA LEU A 292 -13.06 35.71 10.65
C LEU A 292 -13.31 37.15 10.21
N ALA A 293 -13.16 38.10 11.12
CA ALA A 293 -13.31 39.50 10.75
C ALA A 293 -12.25 39.91 9.74
N LYS A 294 -11.02 39.43 9.91
CA LYS A 294 -9.96 39.75 8.96
C LYS A 294 -10.25 39.16 7.59
N ILE A 295 -10.74 37.91 7.56
CA ILE A 295 -11.09 37.30 6.28
C ILE A 295 -12.21 38.08 5.61
N HIS A 296 -13.19 38.52 6.40
CA HIS A 296 -14.27 39.33 5.84
C HIS A 296 -13.74 40.63 5.26
N LYS A 297 -12.84 41.29 5.99
CA LYS A 297 -12.30 42.56 5.51
C LYS A 297 -11.53 42.36 4.21
N ILE A 298 -10.58 41.43 4.20
CA ILE A 298 -9.81 41.20 2.98
C ILE A 298 -10.68 40.54 1.92
N ASP A 299 -11.49 39.56 2.33
CA ASP A 299 -12.33 38.82 1.39
C ASP A 299 -11.47 38.21 0.29
N PRO A 300 -10.43 37.45 0.63
CA PRO A 300 -9.55 36.91 -0.41
C PRO A 300 -10.30 35.96 -1.33
N ASP A 301 -9.84 35.90 -2.58
CA ASP A 301 -10.47 35.05 -3.59
C ASP A 301 -9.80 33.69 -3.70
N VAL A 302 -8.52 33.58 -3.35
CA VAL A 302 -7.76 32.33 -3.44
C VAL A 302 -7.00 32.17 -2.14
N ILE A 303 -7.50 31.30 -1.27
CA ILE A 303 -6.84 31.00 0.00
C ILE A 303 -5.91 29.82 -0.22
N VAL A 304 -4.63 30.00 0.13
CA VAL A 304 -3.60 29.00 -0.12
C VAL A 304 -3.08 28.51 1.22
N GLY A 305 -2.61 27.27 1.24
CA GLY A 305 -2.06 26.70 2.46
C GLY A 305 -1.49 25.33 2.21
N HIS A 306 -0.90 24.77 3.27
CA HIS A 306 -0.37 23.42 3.27
C HIS A 306 -1.29 22.51 4.08
N ASP A 307 -1.69 21.40 3.49
CA ASP A 307 -2.66 20.50 4.11
C ASP A 307 -3.90 21.27 4.54
N ILE A 308 -4.27 22.28 3.75
CA ILE A 308 -5.43 23.09 4.07
C ILE A 308 -6.70 22.25 4.00
N TYR A 309 -6.79 21.37 3.00
CA TYR A 309 -8.00 20.59 2.83
C TYR A 309 -8.13 19.48 3.86
N GLY A 310 -7.01 18.96 4.35
CA GLY A 310 -7.06 17.83 5.25
C GLY A 310 -7.00 18.21 6.72
N PHE A 311 -6.15 19.18 7.06
CA PHE A 311 -5.91 19.55 8.45
C PHE A 311 -6.38 20.97 8.79
N ASP A 312 -5.90 21.97 8.05
CA ASP A 312 -6.08 23.36 8.46
C ASP A 312 -7.54 23.76 8.52
N LEU A 313 -8.26 23.65 7.41
CA LEU A 313 -9.65 24.10 7.38
C LEU A 313 -10.50 23.27 8.33
N GLU A 314 -10.24 21.97 8.40
CA GLU A 314 -11.01 21.12 9.30
C GLU A 314 -10.82 21.55 10.75
N VAL A 315 -9.57 21.85 11.13
CA VAL A 315 -9.31 22.31 12.48
C VAL A 315 -10.02 23.64 12.72
N LEU A 316 -9.95 24.54 11.75
CA LEU A 316 -10.59 25.85 11.89
C LEU A 316 -12.09 25.68 12.14
N LEU A 317 -12.74 24.86 11.32
CA LEU A 317 -14.19 24.68 11.47
C LEU A 317 -14.52 23.97 12.77
N GLN A 318 -13.71 22.97 13.16
CA GLN A 318 -13.99 22.27 14.40
C GLN A 318 -13.90 23.21 15.59
N ARG A 319 -12.88 24.06 15.63
CA ARG A 319 -12.76 24.99 16.74
C ARG A 319 -13.83 26.07 16.68
N ILE A 320 -14.24 26.47 15.48
CA ILE A 320 -15.35 27.41 15.36
C ILE A 320 -16.60 26.81 15.99
N ASN A 321 -16.86 25.53 15.69
CA ASN A 321 -18.03 24.87 16.27
C ASN A 321 -17.88 24.75 17.78
N SER A 322 -16.70 24.39 18.26
CA SER A 322 -16.51 24.16 19.68
C SER A 322 -16.69 25.44 20.48
N CYS A 323 -16.08 26.54 20.03
CA CYS A 323 -16.18 27.79 20.76
C CYS A 323 -17.48 28.53 20.49
N LYS A 324 -18.28 28.09 19.52
CA LYS A 324 -19.53 28.75 19.17
C LYS A 324 -19.30 30.20 18.75
N VAL A 325 -18.50 30.34 17.69
CA VAL A 325 -18.28 31.65 17.07
C VAL A 325 -19.48 31.95 16.16
N PRO A 326 -20.16 33.09 16.34
CA PRO A 326 -21.49 33.26 15.74
C PRO A 326 -21.53 33.12 14.23
N PHE A 327 -20.76 33.95 13.52
CA PHE A 327 -20.87 34.06 12.06
C PHE A 327 -19.81 33.17 11.42
N TRP A 328 -20.17 31.89 11.27
CA TRP A 328 -19.28 30.91 10.65
C TRP A 328 -19.22 31.08 9.13
N SER A 329 -20.36 31.36 8.49
CA SER A 329 -20.40 31.39 7.04
C SER A 329 -19.54 32.51 6.45
N LYS A 330 -19.09 33.45 7.27
CA LYS A 330 -18.16 34.46 6.77
C LYS A 330 -16.84 33.86 6.30
N ILE A 331 -16.54 32.60 6.67
CA ILE A 331 -15.36 31.96 6.10
C ILE A 331 -15.52 31.74 4.60
N GLY A 332 -16.75 31.71 4.11
CA GLY A 332 -17.00 31.61 2.68
C GLY A 332 -17.41 32.96 2.12
N ARG A 333 -18.38 32.98 1.21
CA ARG A 333 -18.96 34.23 0.75
C ARG A 333 -20.49 34.25 0.74
N LEU A 334 -21.15 33.13 0.94
CA LEU A 334 -22.60 33.09 1.03
C LEU A 334 -23.02 33.14 2.49
N ARG A 335 -24.27 33.54 2.71
CA ARG A 335 -24.85 33.58 4.04
C ARG A 335 -25.65 32.31 4.28
N ARG A 336 -25.33 31.60 5.36
CA ARG A 336 -26.05 30.41 5.78
C ARG A 336 -26.26 30.48 7.29
N SER A 337 -26.80 29.40 7.86
CA SER A 337 -27.05 29.37 9.29
C SER A 337 -26.48 28.12 9.96
N VAL A 338 -26.57 26.97 9.29
CA VAL A 338 -26.14 25.70 9.85
C VAL A 338 -24.88 25.24 9.12
N MET A 339 -23.82 24.99 9.89
CA MET A 339 -22.56 24.57 9.29
C MET A 339 -22.73 23.17 8.71
N PRO A 340 -22.09 22.86 7.57
CA PRO A 340 -22.16 21.50 7.05
C PRO A 340 -21.57 20.50 8.03
N LYS A 341 -22.16 19.30 8.06
CA LYS A 341 -21.62 18.22 8.87
C LYS A 341 -20.19 17.94 8.48
N LEU A 342 -19.31 17.84 9.47
CA LEU A 342 -17.91 17.55 9.22
C LEU A 342 -17.75 16.05 8.97
N GLY A 343 -16.51 15.58 8.94
CA GLY A 343 -16.30 14.22 8.50
C GLY A 343 -16.55 14.11 6.99
N GLY A 344 -16.67 12.86 6.55
CA GLY A 344 -16.85 12.59 5.14
C GLY A 344 -15.53 12.69 4.39
N ARG A 345 -15.37 11.79 3.42
CA ARG A 345 -14.15 11.73 2.65
C ARG A 345 -13.96 13.01 1.83
N SER A 346 -12.78 13.13 1.23
CA SER A 346 -12.45 14.27 0.39
C SER A 346 -12.56 15.58 1.17
N GLY A 347 -12.39 16.70 0.49
CA GLY A 347 -12.48 18.00 1.13
C GLY A 347 -13.81 18.66 0.87
N PHE A 348 -14.83 17.84 0.57
CA PHE A 348 -16.13 18.39 0.24
C PHE A 348 -16.71 19.20 1.39
N ALA A 349 -16.55 18.74 2.63
CA ALA A 349 -16.98 19.55 3.76
C ALA A 349 -16.22 20.86 3.79
N GLU A 350 -14.91 20.82 3.60
CA GLU A 350 -14.12 22.05 3.57
C GLU A 350 -14.53 22.95 2.42
N ARG A 351 -14.61 22.40 1.22
CA ARG A 351 -14.92 23.23 0.05
C ARG A 351 -16.30 23.86 0.17
N ASN A 352 -17.29 23.09 0.61
CA ASN A 352 -18.62 23.64 0.80
C ASN A 352 -18.63 24.70 1.90
N ALA A 353 -17.89 24.47 2.98
CA ALA A 353 -17.80 25.47 4.03
C ALA A 353 -17.22 26.78 3.50
N ALA A 354 -16.24 26.67 2.61
CA ALA A 354 -15.56 27.83 2.03
C ALA A 354 -16.11 28.16 0.66
N CYS A 355 -17.41 27.99 0.47
CA CYS A 355 -18.02 28.24 -0.84
C CYS A 355 -17.74 29.65 -1.31
N GLY A 356 -17.39 29.79 -2.58
CA GLY A 356 -17.07 31.06 -3.17
C GLY A 356 -15.62 31.46 -3.09
N ARG A 357 -14.79 30.70 -2.36
CA ARG A 357 -13.36 30.96 -2.27
C ARG A 357 -12.60 29.75 -2.79
N ILE A 358 -11.64 30.01 -3.67
CA ILE A 358 -10.84 28.95 -4.29
C ILE A 358 -9.73 28.56 -3.31
N ILE A 359 -9.82 27.35 -2.78
CA ILE A 359 -8.85 26.87 -1.80
C ILE A 359 -7.74 26.14 -2.54
N CYS A 360 -6.50 26.58 -2.33
CA CYS A 360 -5.32 25.99 -2.95
C CYS A 360 -4.50 25.28 -1.89
N ASP A 361 -4.35 23.96 -2.05
CA ASP A 361 -3.50 23.15 -1.18
C ASP A 361 -2.21 22.86 -1.92
N ILE A 362 -1.12 23.54 -1.53
CA ILE A 362 0.14 23.38 -2.24
C ILE A 362 0.64 21.95 -2.16
N GLU A 363 0.17 21.17 -1.19
CA GLU A 363 0.51 19.75 -1.15
C GLU A 363 -0.09 19.03 -2.34
N ILE A 364 -1.40 19.20 -2.58
CA ILE A 364 -2.04 18.57 -3.72
C ILE A 364 -1.45 19.09 -5.02
N SER A 365 -1.26 20.40 -5.12
CA SER A 365 -0.72 20.96 -6.36
C SER A 365 0.68 20.45 -6.64
N ALA A 366 1.52 20.36 -5.60
CA ALA A 366 2.87 19.83 -5.78
C ALA A 366 2.83 18.36 -6.19
N LYS A 367 1.94 17.58 -5.57
CA LYS A 367 1.79 16.18 -5.97
C LYS A 367 1.41 16.08 -7.43
N GLU A 368 0.54 16.97 -7.90
CA GLU A 368 0.10 16.92 -9.29
C GLU A 368 1.17 17.38 -10.25
N LEU A 369 1.98 18.37 -9.87
CA LEU A 369 2.85 19.04 -10.84
C LEU A 369 4.23 18.41 -10.91
N ILE A 370 4.92 18.26 -9.77
CA ILE A 370 6.28 17.75 -9.74
C ILE A 370 6.30 16.48 -8.91
N ARG A 371 7.42 15.76 -9.00
CA ARG A 371 7.64 14.53 -8.26
C ARG A 371 8.76 14.75 -7.26
N CYS A 372 8.47 14.50 -5.98
CA CYS A 372 9.45 14.67 -4.92
C CYS A 372 9.39 13.47 -3.99
N LYS A 373 10.51 13.22 -3.31
CA LYS A 373 10.60 12.03 -2.46
C LYS A 373 9.59 12.10 -1.32
N SER A 374 9.39 13.28 -0.75
CA SER A 374 8.39 13.48 0.29
C SER A 374 7.66 14.79 0.02
N TYR A 375 6.39 14.83 0.42
CA TYR A 375 5.55 15.99 0.18
C TYR A 375 5.31 16.83 1.43
N HIS A 376 6.01 16.53 2.53
CA HIS A 376 5.89 17.39 3.70
C HIS A 376 6.61 18.72 3.43
N LEU A 377 6.14 19.76 4.10
CA LEU A 377 6.49 21.13 3.71
C LEU A 377 8.00 21.33 3.68
N SER A 378 8.73 20.73 4.63
CA SER A 378 10.18 20.94 4.67
C SER A 378 10.86 20.42 3.42
N GLU A 379 10.47 19.21 2.98
CA GLU A 379 11.09 18.65 1.77
C GLU A 379 10.78 19.48 0.54
N LEU A 380 9.54 19.92 0.42
CA LEU A 380 9.18 20.77 -0.72
C LEU A 380 9.98 22.07 -0.68
N VAL A 381 10.14 22.65 0.51
CA VAL A 381 10.90 23.89 0.63
C VAL A 381 12.34 23.67 0.21
N HIS A 382 12.94 22.57 0.64
CA HIS A 382 14.33 22.30 0.27
C HIS A 382 14.46 22.05 -1.22
N GLN A 383 13.46 21.41 -1.83
CA GLN A 383 13.57 21.02 -3.22
C GLN A 383 13.28 22.20 -4.14
N ILE A 384 12.18 22.91 -3.89
CA ILE A 384 11.76 23.98 -4.78
C ILE A 384 12.56 25.26 -4.49
N LEU A 385 12.47 25.74 -3.25
CA LEU A 385 13.10 27.01 -2.89
C LEU A 385 14.55 26.86 -2.49
N LYS A 386 15.06 25.64 -2.35
CA LYS A 386 16.45 25.42 -1.97
C LYS A 386 16.78 26.11 -0.65
N ALA A 387 15.85 26.07 0.30
CA ALA A 387 16.04 26.65 1.62
C ALA A 387 15.87 25.58 2.69
N GLU A 388 16.38 25.90 3.88
CA GLU A 388 16.31 25.01 5.04
C GLU A 388 15.28 25.56 6.02
N ARG A 389 14.36 24.69 6.46
CA ARG A 389 13.27 25.06 7.34
C ARG A 389 13.55 24.55 8.76
N VAL A 390 13.40 25.43 9.74
CA VAL A 390 13.48 25.07 11.15
C VAL A 390 12.09 24.66 11.62
N VAL A 391 12.00 23.47 12.21
CA VAL A 391 10.73 22.89 12.64
C VAL A 391 10.69 22.91 14.16
N ILE A 392 9.60 23.43 14.72
CA ILE A 392 9.40 23.51 16.16
C ILE A 392 8.66 22.25 16.61
N PRO A 393 9.26 21.40 17.45
CA PRO A 393 8.51 20.27 17.98
C PRO A 393 7.33 20.73 18.80
N PRO A 394 6.25 19.94 18.86
CA PRO A 394 5.08 20.36 19.64
C PRO A 394 5.38 20.62 21.10
N GLU A 395 6.32 19.88 21.70
CA GLU A 395 6.68 20.16 23.08
C GLU A 395 7.23 21.57 23.22
N ASN A 396 8.04 22.01 22.26
CA ASN A 396 8.54 23.38 22.31
C ASN A 396 7.42 24.38 22.09
N ILE A 397 6.42 24.02 21.27
CA ILE A 397 5.29 24.92 21.08
C ILE A 397 4.52 25.09 22.38
N ARG A 398 4.33 24.01 23.13
CA ARG A 398 3.74 24.15 24.46
C ARG A 398 4.63 24.99 25.37
N ASN A 399 5.93 24.76 25.32
CA ASN A 399 6.86 25.46 26.19
C ASN A 399 7.08 26.91 25.78
N ALA A 400 6.51 27.34 24.65
CA ALA A 400 6.76 28.69 24.16
C ALA A 400 6.14 29.75 25.05
N TYR A 401 5.09 29.42 25.79
CA TYR A 401 4.44 30.41 26.64
C TYR A 401 5.19 30.55 27.96
N ASN A 402 6.51 30.75 27.89
CA ASN A 402 7.32 30.96 29.07
C ASN A 402 8.31 32.10 28.94
N ASP A 403 8.50 32.65 27.75
CA ASP A 403 9.39 33.80 27.55
C ASP A 403 8.93 34.54 26.32
N SER A 404 9.20 35.85 26.31
CA SER A 404 8.89 36.65 25.12
C SER A 404 9.69 36.17 23.92
N VAL A 405 10.97 35.86 24.11
CA VAL A 405 11.84 35.52 23.00
C VAL A 405 11.29 34.30 22.27
N HIS A 406 10.95 33.24 23.01
CA HIS A 406 10.47 32.02 22.38
C HIS A 406 9.10 32.23 21.75
N LEU A 407 8.24 33.04 22.38
CA LEU A 407 6.92 33.29 21.82
C LEU A 407 7.03 34.00 20.48
N LEU A 408 7.87 35.03 20.40
CA LEU A 408 8.07 35.71 19.13
C LEU A 408 8.78 34.82 18.12
N TYR A 409 9.69 33.95 18.56
CA TYR A 409 10.30 33.02 17.62
C TYR A 409 9.25 32.09 17.01
N MET A 410 8.33 31.60 17.84
CA MET A 410 7.26 30.74 17.32
C MET A 410 6.39 31.50 16.32
N LEU A 411 6.00 32.73 16.66
CA LEU A 411 5.16 33.49 15.75
C LEU A 411 5.89 33.78 14.44
N GLU A 412 7.17 34.14 14.52
CA GLU A 412 7.93 34.41 13.31
C GLU A 412 8.14 33.13 12.51
N ASN A 413 8.19 31.98 13.17
CA ASN A 413 8.26 30.72 12.44
C ASN A 413 6.97 30.46 11.68
N THR A 414 5.83 30.77 12.29
CA THR A 414 4.57 30.68 11.56
C THR A 414 4.57 31.62 10.36
N TRP A 415 5.06 32.84 10.55
CA TRP A 415 5.14 33.79 9.44
C TRP A 415 6.04 33.26 8.34
N ILE A 416 7.19 32.67 8.70
CA ILE A 416 8.11 32.14 7.71
C ILE A 416 7.48 30.96 6.98
N ASP A 417 6.71 30.14 7.68
CA ASP A 417 6.00 29.04 7.02
C ASP A 417 5.00 29.57 6.00
N ALA A 418 4.26 30.61 6.36
CA ALA A 418 3.32 31.20 5.40
C ALA A 418 4.06 31.77 4.20
N LYS A 419 5.18 32.46 4.44
CA LYS A 419 5.96 33.01 3.33
C LYS A 419 6.47 31.90 2.43
N PHE A 420 6.95 30.80 3.01
CA PHE A 420 7.42 29.69 2.20
C PHE A 420 6.29 29.07 1.39
N ILE A 421 5.10 28.97 1.98
CA ILE A 421 3.96 28.42 1.24
C ILE A 421 3.66 29.30 0.03
N LEU A 422 3.63 30.62 0.24
CA LEU A 422 3.36 31.53 -0.87
C LEU A 422 4.47 31.45 -1.92
N GLN A 423 5.72 31.36 -1.48
CA GLN A 423 6.84 31.27 -2.41
C GLN A 423 6.75 30.01 -3.25
N ILE A 424 6.38 28.89 -2.62
CA ILE A 424 6.23 27.64 -3.36
C ILE A 424 5.11 27.77 -4.37
N MET A 425 3.97 28.35 -3.95
CA MET A 425 2.87 28.51 -4.89
C MET A 425 3.30 29.33 -6.10
N CYS A 426 4.04 30.42 -5.87
CA CYS A 426 4.46 31.26 -6.98
C CYS A 426 5.49 30.55 -7.85
N GLU A 427 6.42 29.81 -7.24
CA GLU A 427 7.48 29.18 -8.01
C GLU A 427 6.93 28.12 -8.96
N LEU A 428 6.08 27.23 -8.44
CA LEU A 428 5.46 26.23 -9.31
C LEU A 428 4.50 26.85 -10.31
N ASN A 429 4.07 28.10 -10.07
CA ASN A 429 3.11 28.76 -10.95
C ASN A 429 1.77 28.03 -10.91
N VAL A 430 1.28 27.78 -9.69
CA VAL A 430 0.10 26.95 -9.53
C VAL A 430 -1.14 27.67 -10.04
N LEU A 431 -1.30 28.94 -9.69
CA LEU A 431 -2.53 29.65 -10.05
C LEU A 431 -2.66 29.84 -11.56
N PRO A 432 -1.65 30.34 -12.26
CA PRO A 432 -1.78 30.45 -13.73
C PRO A 432 -2.05 29.11 -14.41
N LEU A 433 -1.39 28.05 -13.95
CA LEU A 433 -1.62 26.74 -14.55
C LEU A 433 -3.03 26.26 -14.28
N ALA A 434 -3.53 26.51 -13.07
CA ALA A 434 -4.92 26.14 -12.76
C ALA A 434 -5.89 26.89 -13.64
N LEU A 435 -5.67 28.19 -13.83
CA LEU A 435 -6.54 28.97 -14.70
C LEU A 435 -6.51 28.42 -16.12
N GLN A 436 -5.31 28.14 -16.64
CA GLN A 436 -5.20 27.65 -18.01
C GLN A 436 -5.91 26.32 -18.17
N ILE A 437 -5.67 25.39 -17.24
CA ILE A 437 -6.27 24.07 -17.35
C ILE A 437 -7.78 24.14 -17.17
N THR A 438 -8.26 25.02 -16.30
CA THR A 438 -9.69 25.17 -16.13
C THR A 438 -10.33 25.73 -17.39
N ASN A 439 -9.69 26.71 -18.03
CA ASN A 439 -10.20 27.24 -19.28
C ASN A 439 -10.22 26.16 -20.35
N ILE A 440 -9.16 25.35 -20.42
CA ILE A 440 -9.12 24.28 -21.41
C ILE A 440 -10.23 23.27 -21.16
N ALA A 441 -10.43 22.88 -19.91
CA ALA A 441 -11.40 21.84 -19.59
C ALA A 441 -12.83 22.38 -19.54
N GLY A 442 -13.03 23.52 -18.91
CA GLY A 442 -14.34 24.11 -18.80
C GLY A 442 -15.10 23.82 -17.52
N ASN A 443 -14.44 23.24 -16.52
CA ASN A 443 -15.06 22.96 -15.24
C ASN A 443 -14.84 24.15 -14.31
N VAL A 444 -15.13 23.99 -13.03
CA VAL A 444 -14.92 25.05 -12.05
C VAL A 444 -13.49 25.00 -11.55
N MET A 445 -12.95 26.17 -11.21
CA MET A 445 -11.53 26.26 -10.86
C MET A 445 -11.24 25.56 -9.54
N SER A 446 -12.15 25.66 -8.57
CA SER A 446 -11.92 25.04 -7.28
C SER A 446 -11.76 23.52 -7.41
N ARG A 447 -12.63 22.90 -8.21
CA ARG A 447 -12.50 21.46 -8.44
C ARG A 447 -11.18 21.13 -9.11
N THR A 448 -10.76 21.96 -10.07
CA THR A 448 -9.47 21.72 -10.72
C THR A 448 -8.33 21.76 -9.73
N LEU A 449 -8.34 22.76 -8.84
CA LEU A 449 -7.28 22.84 -7.83
C LEU A 449 -7.42 21.76 -6.76
N MET A 450 -8.59 21.13 -6.65
CA MET A 450 -8.74 20.01 -5.73
C MET A 450 -7.98 18.78 -6.17
N GLY A 451 -7.51 18.75 -7.42
CA GLY A 451 -6.76 17.62 -7.94
C GLY A 451 -7.65 16.64 -8.69
N GLY A 452 -6.99 15.72 -9.38
CA GLY A 452 -7.68 14.69 -10.12
C GLY A 452 -7.81 15.02 -11.59
N ARG A 453 -7.86 13.97 -12.42
CA ARG A 453 -7.99 14.12 -13.86
C ARG A 453 -9.36 13.76 -14.40
N SER A 454 -10.20 13.05 -13.63
CA SER A 454 -11.44 12.55 -14.18
C SER A 454 -12.40 13.68 -14.52
N GLU A 455 -12.59 14.62 -13.59
CA GLU A 455 -13.56 15.69 -13.81
C GLU A 455 -13.15 16.58 -14.96
N ARG A 456 -11.85 16.87 -15.09
CA ARG A 456 -11.39 17.72 -16.18
C ARG A 456 -11.73 17.13 -17.54
N ASN A 457 -11.35 15.87 -17.77
CA ASN A 457 -11.65 15.24 -19.06
C ASN A 457 -13.15 15.07 -19.26
N GLU A 458 -13.88 14.74 -18.20
CA GLU A 458 -15.32 14.57 -18.33
C GLU A 458 -15.98 15.87 -18.78
N TYR A 459 -15.59 16.99 -18.18
CA TYR A 459 -16.18 18.26 -18.57
C TYR A 459 -15.70 18.70 -19.95
N LEU A 460 -14.45 18.40 -20.30
CA LEU A 460 -13.98 18.69 -21.65
C LEU A 460 -14.88 18.02 -22.67
N LEU A 461 -15.12 16.72 -22.50
CA LEU A 461 -15.93 16.01 -23.47
C LEU A 461 -17.40 16.44 -23.39
N LEU A 462 -17.88 16.79 -22.19
CA LEU A 462 -19.22 17.34 -22.08
C LEU A 462 -19.37 18.59 -22.94
N HIS A 463 -18.43 19.52 -22.81
CA HIS A 463 -18.50 20.73 -23.62
C HIS A 463 -18.42 20.40 -25.09
N ALA A 464 -17.51 19.50 -25.47
CA ALA A 464 -17.35 19.18 -26.88
C ALA A 464 -18.65 18.63 -27.46
N PHE A 465 -19.23 17.61 -26.82
CA PHE A 465 -20.42 16.99 -27.36
C PHE A 465 -21.62 17.92 -27.31
N THR A 466 -21.76 18.68 -26.23
CA THR A 466 -22.94 19.54 -26.11
C THR A 466 -22.99 20.55 -27.24
N GLU A 467 -21.85 21.13 -27.60
CA GLU A 467 -21.80 22.11 -28.67
C GLU A 467 -22.09 21.51 -30.04
N ASN A 468 -22.10 20.17 -30.15
CA ASN A 468 -22.32 19.49 -31.42
C ASN A 468 -23.69 18.82 -31.48
N ASN A 469 -24.65 19.25 -30.66
CA ASN A 469 -26.00 18.70 -30.72
C ASN A 469 -26.01 17.22 -30.37
N PHE A 470 -25.51 16.91 -29.18
CA PHE A 470 -25.49 15.55 -28.66
C PHE A 470 -26.18 15.50 -27.31
N ILE A 471 -26.67 14.31 -26.96
CA ILE A 471 -27.23 14.07 -25.63
C ILE A 471 -26.21 13.24 -24.84
N VAL A 472 -25.59 13.88 -23.85
CA VAL A 472 -24.56 13.23 -23.04
C VAL A 472 -25.23 12.30 -22.05
N PRO A 473 -24.59 11.19 -21.67
CA PRO A 473 -25.21 10.28 -20.69
C PRO A 473 -25.29 10.92 -19.31
N ASP A 474 -26.29 10.49 -18.55
CA ASP A 474 -26.45 10.98 -17.19
C ASP A 474 -25.25 10.57 -16.34
N LYS A 475 -24.91 11.44 -15.39
CA LYS A 475 -23.79 11.16 -14.51
C LYS A 475 -24.01 9.82 -13.81
N PRO A 476 -22.98 8.97 -13.70
CA PRO A 476 -23.18 7.66 -13.08
C PRO A 476 -23.41 7.80 -11.58
N VAL A 477 -24.64 7.60 -11.16
CA VAL A 477 -25.02 7.74 -9.76
C VAL A 477 -24.21 6.76 -8.90
N ALA A 505 -6.63 -5.03 -14.59
CA ALA A 505 -6.31 -4.91 -16.01
C ALA A 505 -7.45 -5.43 -16.86
N ALA A 506 -8.49 -4.61 -17.03
CA ALA A 506 -9.64 -5.04 -17.80
C ALA A 506 -9.33 -5.21 -19.28
N TYR A 507 -8.16 -4.75 -19.74
CA TYR A 507 -7.82 -4.83 -21.14
C TYR A 507 -6.30 -4.78 -21.28
N ALA A 508 -5.81 -5.20 -22.44
CA ALA A 508 -4.38 -5.27 -22.68
C ALA A 508 -3.77 -3.87 -22.75
N GLY A 509 -2.44 -3.83 -22.63
CA GLY A 509 -1.68 -2.61 -22.61
C GLY A 509 -0.58 -2.63 -23.66
N GLY A 510 0.52 -1.96 -23.34
CA GLY A 510 1.60 -1.82 -24.29
C GLY A 510 2.51 -3.02 -24.32
N LEU A 511 3.34 -3.07 -25.36
CA LEU A 511 4.29 -4.16 -25.57
C LEU A 511 5.69 -3.69 -25.22
N VAL A 512 6.37 -4.45 -24.36
CA VAL A 512 7.75 -4.16 -23.96
C VAL A 512 8.63 -5.23 -24.58
N LEU A 513 9.58 -4.80 -25.42
CA LEU A 513 10.47 -5.74 -26.08
C LEU A 513 11.45 -6.35 -25.08
N GLU A 514 11.83 -7.59 -25.34
CA GLU A 514 12.77 -8.27 -24.46
C GLU A 514 14.15 -7.65 -24.61
N PRO A 515 14.73 -7.06 -23.56
CA PRO A 515 16.03 -6.40 -23.72
C PRO A 515 17.16 -7.39 -23.90
N LYS A 516 18.24 -6.90 -24.50
CA LYS A 516 19.51 -7.63 -24.58
C LYS A 516 20.35 -7.10 -23.43
N VAL A 517 20.21 -7.73 -22.26
CA VAL A 517 20.88 -7.21 -21.07
C VAL A 517 22.38 -7.27 -21.29
N GLY A 518 23.07 -6.22 -20.84
CA GLY A 518 24.51 -6.14 -20.98
C GLY A 518 25.00 -4.71 -20.90
N PHE A 519 26.27 -4.55 -21.24
CA PHE A 519 26.93 -3.25 -21.25
C PHE A 519 27.35 -2.92 -22.67
N TYR A 520 26.95 -1.75 -23.15
CA TYR A 520 27.27 -1.30 -24.51
C TYR A 520 28.09 -0.02 -24.40
N ASP A 521 29.36 -0.10 -24.81
CA ASP A 521 30.25 1.04 -24.75
C ASP A 521 30.25 1.90 -26.01
N LYS A 522 29.55 1.49 -27.07
CA LYS A 522 29.43 2.31 -28.27
C LYS A 522 28.18 3.19 -28.18
N PHE A 523 27.80 3.82 -29.29
CA PHE A 523 26.71 4.78 -29.31
C PHE A 523 25.39 4.06 -29.45
N ILE A 524 24.44 4.40 -28.57
CA ILE A 524 23.08 3.87 -28.62
C ILE A 524 22.16 5.00 -29.07
N LEU A 525 21.25 4.69 -29.99
CA LEU A 525 20.32 5.65 -30.55
C LEU A 525 18.92 5.34 -30.03
N LEU A 526 18.31 6.31 -29.35
CA LEU A 526 16.97 6.15 -28.80
C LEU A 526 15.97 6.92 -29.64
N LEU A 527 14.93 6.23 -30.09
CA LEU A 527 13.84 6.84 -30.86
C LEU A 527 12.56 6.71 -30.05
N ASP A 528 11.80 7.80 -29.99
CA ASP A 528 10.56 7.83 -29.24
C ASP A 528 9.46 8.47 -30.08
N PHE A 529 8.27 7.88 -30.05
CA PHE A 529 7.13 8.49 -30.70
C PHE A 529 6.65 9.70 -29.92
N ASN A 530 6.12 10.67 -30.66
CA ASN A 530 5.64 11.93 -30.10
C ASN A 530 4.14 11.82 -29.88
N SER A 531 3.70 11.96 -28.63
CA SER A 531 2.29 11.90 -28.28
C SER A 531 1.62 10.71 -28.95
N LEU A 532 2.09 9.52 -28.58
CA LEU A 532 1.75 8.30 -29.31
C LEU A 532 0.24 8.05 -29.29
N TYR A 533 -0.32 7.83 -28.11
CA TYR A 533 -1.75 7.52 -28.03
C TYR A 533 -2.61 8.65 -28.58
N PRO A 534 -2.39 9.92 -28.23
CA PRO A 534 -3.12 11.01 -28.90
C PRO A 534 -2.99 10.97 -30.41
N SER A 535 -1.79 10.68 -30.91
CA SER A 535 -1.58 10.64 -32.35
C SER A 535 -2.34 9.48 -32.98
N ILE A 536 -2.42 8.35 -32.29
CA ILE A 536 -3.18 7.23 -32.80
C ILE A 536 -4.66 7.59 -32.87
N ILE A 537 -5.17 8.22 -31.82
CA ILE A 537 -6.58 8.62 -31.81
C ILE A 537 -6.85 9.56 -32.97
N GLN A 538 -5.95 10.52 -33.20
CA GLN A 538 -6.14 11.45 -34.31
C GLN A 538 -6.09 10.73 -35.64
N GLU A 539 -5.05 9.95 -35.87
CA GLU A 539 -4.80 9.36 -37.18
C GLU A 539 -5.92 8.39 -37.56
N TYR A 540 -6.27 7.48 -36.67
CA TYR A 540 -7.25 6.45 -36.99
C TYR A 540 -8.68 6.89 -36.73
N ASN A 541 -8.89 8.13 -36.32
CA ASN A 541 -10.23 8.69 -36.18
C ASN A 541 -11.06 7.88 -35.18
N ILE A 542 -10.44 7.51 -34.07
CA ILE A 542 -11.12 6.77 -33.02
C ILE A 542 -11.99 7.74 -32.23
N CYS A 543 -13.28 7.44 -32.14
CA CYS A 543 -14.22 8.32 -31.46
C CYS A 543 -15.45 7.51 -31.06
N PHE A 544 -16.25 8.09 -30.17
CA PHE A 544 -17.50 7.44 -29.78
C PHE A 544 -18.42 7.28 -30.98
N THR A 545 -18.34 8.18 -31.95
CA THR A 545 -19.25 8.20 -33.08
C THR A 545 -18.71 7.47 -34.29
N THR A 546 -17.51 6.88 -34.20
CA THR A 546 -16.88 6.20 -35.33
C THR A 546 -16.71 4.71 -35.12
N VAL A 547 -16.37 4.28 -33.91
CA VAL A 547 -16.21 2.87 -33.60
C VAL A 547 -17.57 2.28 -33.25
N HIS A 548 -17.99 1.27 -34.01
CA HIS A 548 -19.26 0.60 -33.76
C HIS A 548 -19.00 -0.49 -32.73
N ARG A 549 -19.24 -0.16 -31.46
CA ARG A 549 -18.86 -1.04 -30.35
C ARG A 549 -19.94 -2.10 -30.16
N GLU A 550 -19.84 -2.84 -29.05
CA GLU A 550 -20.80 -3.89 -28.74
C GLU A 550 -20.74 -4.14 -27.24
N ALA A 551 -21.87 -3.97 -26.56
CA ALA A 551 -21.95 -4.20 -25.12
C ALA A 551 -22.41 -5.61 -24.82
N ASP A 561 -14.39 -9.88 -24.56
CA ASP A 561 -13.38 -8.83 -24.71
C ASP A 561 -12.77 -8.86 -26.10
N GLU A 562 -13.53 -8.40 -27.09
CA GLU A 562 -13.09 -8.35 -28.47
C GLU A 562 -12.79 -6.91 -28.87
N ILE A 563 -11.68 -6.71 -29.57
CA ILE A 563 -11.27 -5.39 -30.01
C ILE A 563 -12.14 -4.99 -31.20
N PRO A 564 -12.89 -3.89 -31.13
CA PRO A 564 -13.75 -3.54 -32.28
C PRO A 564 -12.91 -3.17 -33.48
N GLU A 565 -13.51 -3.28 -34.66
CA GLU A 565 -12.79 -3.00 -35.89
C GLU A 565 -12.39 -1.53 -35.95
N LEU A 566 -11.30 -1.27 -36.66
CA LEU A 566 -10.90 0.11 -36.90
C LEU A 566 -11.98 0.81 -37.72
N PRO A 567 -12.24 2.09 -37.46
CA PRO A 567 -13.28 2.78 -38.23
C PRO A 567 -12.85 2.97 -39.68
N HIS A 568 -13.83 3.04 -40.55
CA HIS A 568 -13.55 3.26 -41.97
C HIS A 568 -12.88 4.61 -42.18
N SER A 569 -12.00 4.67 -43.18
CA SER A 569 -11.30 5.92 -43.46
C SER A 569 -12.23 6.97 -44.06
N ASP A 570 -13.44 6.59 -44.47
CA ASP A 570 -14.35 7.52 -45.10
C ASP A 570 -15.01 8.47 -44.12
N LEU A 571 -15.10 8.09 -42.84
CA LEU A 571 -15.85 8.90 -41.89
C LEU A 571 -15.14 10.22 -41.62
N GLU A 572 -15.93 11.23 -41.27
CA GLU A 572 -15.39 12.52 -40.88
C GLU A 572 -14.79 12.45 -39.48
N MET A 573 -13.85 13.37 -39.20
CA MET A 573 -13.18 13.35 -37.90
C MET A 573 -14.20 13.49 -36.78
N GLY A 574 -14.02 12.69 -35.72
CA GLY A 574 -14.91 12.72 -34.59
C GLY A 574 -14.57 13.79 -33.58
N ILE A 575 -15.37 13.82 -32.52
CA ILE A 575 -15.20 14.84 -31.47
C ILE A 575 -13.90 14.61 -30.71
N LEU A 576 -13.66 13.38 -30.27
CA LEU A 576 -12.47 13.10 -29.48
C LEU A 576 -11.19 13.37 -30.25
N PRO A 577 -11.04 12.96 -31.51
CA PRO A 577 -9.83 13.38 -32.25
C PRO A 577 -9.65 14.88 -32.27
N ARG A 578 -10.73 15.63 -32.43
CA ARG A 578 -10.61 17.09 -32.48
C ARG A 578 -10.11 17.66 -31.16
N GLU A 579 -10.73 17.23 -30.05
CA GLU A 579 -10.31 17.74 -28.75
C GLU A 579 -8.86 17.35 -28.43
N ILE A 580 -8.51 16.09 -28.69
CA ILE A 580 -7.17 15.64 -28.37
C ILE A 580 -6.16 16.32 -29.29
N ARG A 581 -6.55 16.61 -30.54
CA ARG A 581 -5.70 17.37 -31.44
C ARG A 581 -5.46 18.77 -30.91
N LYS A 582 -6.49 19.41 -30.36
CA LYS A 582 -6.29 20.73 -29.78
C LYS A 582 -5.29 20.67 -28.63
N LEU A 583 -5.44 19.67 -27.76
CA LEU A 583 -4.51 19.54 -26.64
C LEU A 583 -3.08 19.32 -27.14
N VAL A 584 -2.92 18.43 -28.12
CA VAL A 584 -1.60 18.11 -28.64
C VAL A 584 -0.99 19.34 -29.30
N GLU A 585 -1.79 20.12 -30.02
CA GLU A 585 -1.28 21.31 -30.66
C GLU A 585 -0.82 22.33 -29.62
N ARG A 586 -1.58 22.46 -28.53
CA ARG A 586 -1.15 23.38 -27.47
C ARG A 586 0.18 22.92 -26.87
N ARG A 587 0.32 21.61 -26.61
CA ARG A 587 1.58 21.11 -26.09
C ARG A 587 2.72 21.35 -27.06
N ARG A 588 2.48 21.13 -28.36
CA ARG A 588 3.53 21.34 -29.35
C ARG A 588 3.93 22.81 -29.40
N HIS A 589 2.96 23.71 -29.30
CA HIS A 589 3.27 25.13 -29.25
C HIS A 589 4.15 25.46 -28.06
N VAL A 590 3.80 24.92 -26.89
CA VAL A 590 4.60 25.18 -25.71
C VAL A 590 6.02 24.65 -25.90
N LYS A 591 6.14 23.43 -26.44
CA LYS A 591 7.47 22.86 -26.64
C LYS A 591 8.30 23.69 -27.60
N GLN A 592 7.69 24.15 -28.69
CA GLN A 592 8.41 25.01 -29.62
C GLN A 592 8.84 26.29 -28.93
N LEU A 593 7.95 26.87 -28.12
CA LEU A 593 8.32 28.05 -27.34
C LEU A 593 9.53 27.75 -26.46
N MET A 594 9.64 26.52 -25.97
CA MET A 594 10.78 26.13 -25.15
C MET A 594 12.07 26.09 -25.95
N LYS A 595 11.99 25.97 -27.27
CA LYS A 595 13.18 25.89 -28.10
C LYS A 595 13.94 27.21 -28.19
N GLN A 596 13.31 28.32 -27.82
CA GLN A 596 13.96 29.62 -27.94
C GLN A 596 15.26 29.63 -27.14
N PRO A 597 16.37 30.07 -27.73
CA PRO A 597 17.62 30.18 -26.96
C PRO A 597 17.58 31.33 -25.98
N ASP A 598 18.38 31.19 -24.92
CA ASP A 598 18.58 32.25 -23.93
C ASP A 598 17.25 32.62 -23.26
N LEU A 599 16.67 31.62 -22.59
CA LEU A 599 15.43 31.78 -21.84
C LEU A 599 15.76 31.74 -20.35
N ASN A 600 15.04 32.52 -19.57
CA ASN A 600 15.23 32.49 -18.12
C ASN A 600 15.08 31.05 -17.64
N PRO A 601 16.11 30.44 -17.05
CA PRO A 601 16.00 29.02 -16.70
C PRO A 601 14.79 28.71 -15.83
N ASP A 602 14.44 29.59 -14.91
CA ASP A 602 13.24 29.37 -14.10
C ASP A 602 12.00 29.35 -14.98
N LEU A 603 11.92 30.30 -15.92
CA LEU A 603 10.80 30.29 -16.86
C LEU A 603 10.83 29.05 -17.73
N TYR A 604 12.03 28.57 -18.08
CA TYR A 604 12.15 27.34 -18.84
C TYR A 604 11.57 26.17 -18.07
N LEU A 605 11.88 26.08 -16.77
CA LEU A 605 11.35 25.01 -15.95
C LEU A 605 9.83 25.12 -15.83
N GLN A 606 9.32 26.34 -15.71
CA GLN A 606 7.88 26.52 -15.67
C GLN A 606 7.25 26.04 -16.98
N TYR A 607 7.89 26.33 -18.10
CA TYR A 607 7.40 25.85 -19.39
C TYR A 607 7.41 24.33 -19.44
N ASP A 608 8.46 23.73 -18.88
CA ASP A 608 8.55 22.28 -18.85
C ASP A 608 7.41 21.69 -18.03
N ILE A 609 7.11 22.31 -16.89
CA ILE A 609 6.00 21.84 -16.07
C ILE A 609 4.68 21.97 -16.82
N ARG A 610 4.48 23.08 -17.52
CA ARG A 610 3.25 23.25 -18.28
C ARG A 610 3.13 22.21 -19.39
N GLN A 611 4.23 21.95 -20.10
CA GLN A 611 4.22 20.95 -21.15
C GLN A 611 3.91 19.56 -20.59
N LYS A 612 4.52 19.22 -19.46
CA LYS A 612 4.24 17.93 -18.84
C LYS A 612 2.78 17.85 -18.41
N ALA A 613 2.24 18.95 -17.90
CA ALA A 613 0.83 18.95 -17.51
C ALA A 613 -0.07 18.72 -18.71
N LEU A 614 0.24 19.35 -19.84
CA LEU A 614 -0.57 19.13 -21.04
C LEU A 614 -0.44 17.69 -21.54
N LYS A 615 0.76 17.14 -21.52
CA LYS A 615 0.95 15.74 -21.90
C LYS A 615 0.10 14.84 -21.02
N LEU A 616 0.14 15.06 -19.71
CA LEU A 616 -0.64 14.23 -18.80
C LEU A 616 -2.12 14.44 -19.01
N THR A 617 -2.54 15.65 -19.37
CA THR A 617 -3.95 15.89 -19.65
C THR A 617 -4.42 15.08 -20.85
N ALA A 618 -3.62 15.06 -21.92
CA ALA A 618 -3.98 14.25 -23.08
C ALA A 618 -3.99 12.77 -22.75
N ASN A 619 -2.97 12.31 -22.01
CA ASN A 619 -2.93 10.90 -21.66
C ASN A 619 -4.09 10.51 -20.76
N SER A 620 -4.50 11.42 -19.87
CA SER A 620 -5.68 11.17 -19.04
C SER A 620 -6.96 11.20 -19.85
N MET A 621 -7.02 12.04 -20.89
CA MET A 621 -8.15 11.98 -21.80
C MET A 621 -8.25 10.60 -22.43
N TYR A 622 -7.12 10.02 -22.80
CA TYR A 622 -7.13 8.64 -23.27
C TYR A 622 -7.60 7.69 -22.16
N GLY A 623 -7.02 7.83 -20.96
CA GLY A 623 -7.23 6.86 -19.92
C GLY A 623 -8.66 6.82 -19.40
N CYS A 624 -9.30 7.98 -19.32
CA CYS A 624 -10.65 8.04 -18.77
C CYS A 624 -11.64 7.26 -19.63
N LEU A 625 -11.28 6.94 -20.86
CA LEU A 625 -12.09 6.01 -21.64
C LEU A 625 -12.14 4.64 -20.97
N GLY A 626 -11.08 4.29 -20.24
CA GLY A 626 -11.02 3.02 -19.54
C GLY A 626 -11.14 3.15 -18.03
N PHE A 627 -11.96 4.07 -17.56
CA PHE A 627 -12.20 4.27 -16.13
C PHE A 627 -13.60 3.79 -15.80
N SER A 628 -13.68 2.71 -15.01
CA SER A 628 -14.95 2.05 -14.76
C SER A 628 -16.02 3.01 -14.27
N TYR A 629 -15.65 3.99 -13.46
CA TYR A 629 -16.61 4.91 -12.88
C TYR A 629 -16.82 6.17 -13.70
N SER A 630 -16.17 6.30 -14.85
CA SER A 630 -16.26 7.53 -15.63
C SER A 630 -17.60 7.63 -16.33
N ARG A 631 -17.99 8.87 -16.62
CA ARG A 631 -19.23 9.10 -17.37
C ARG A 631 -19.12 8.56 -18.78
N PHE A 632 -17.92 8.49 -19.33
CA PHE A 632 -17.67 8.14 -20.72
C PHE A 632 -16.88 6.85 -20.81
N TYR A 633 -17.28 5.84 -20.05
CA TYR A 633 -16.62 4.54 -20.09
C TYR A 633 -16.75 3.92 -21.47
N ALA A 634 -15.62 3.79 -22.16
CA ALA A 634 -15.57 3.24 -23.51
C ALA A 634 -14.40 2.26 -23.61
N LYS A 635 -14.32 1.34 -22.66
CA LYS A 635 -13.21 0.40 -22.59
C LYS A 635 -12.87 -0.17 -23.96
N PRO A 636 -13.85 -0.47 -24.82
CA PRO A 636 -13.49 -0.93 -26.16
C PRO A 636 -12.59 0.05 -26.89
N LEU A 637 -12.84 1.35 -26.73
CA LEU A 637 -12.00 2.34 -27.39
C LEU A 637 -10.57 2.30 -26.84
N ALA A 638 -10.41 2.20 -25.52
CA ALA A 638 -9.07 2.13 -24.96
C ALA A 638 -8.36 0.87 -25.41
N ALA A 639 -9.07 -0.25 -25.45
CA ALA A 639 -8.48 -1.49 -25.92
C ALA A 639 -8.03 -1.37 -27.37
N LEU A 640 -8.87 -0.73 -28.20
CA LEU A 640 -8.49 -0.51 -29.60
C LEU A 640 -7.24 0.35 -29.69
N VAL A 641 -7.18 1.41 -28.88
CA VAL A 641 -6.03 2.30 -28.92
C VAL A 641 -4.77 1.54 -28.56
N THR A 642 -4.82 0.76 -27.47
CA THR A 642 -3.64 0.02 -27.06
C THR A 642 -3.26 -1.05 -28.08
N HIS A 643 -4.27 -1.69 -28.70
CA HIS A 643 -4.00 -2.68 -29.72
C HIS A 643 -3.30 -2.05 -30.93
N GLN A 644 -3.76 -0.88 -31.35
CA GLN A 644 -3.10 -0.19 -32.45
C GLN A 644 -1.70 0.24 -32.06
N GLY A 645 -1.50 0.63 -30.80
CA GLY A 645 -0.16 0.96 -30.34
C GLY A 645 0.77 -0.24 -30.43
N ARG A 646 0.29 -1.41 -29.98
CA ARG A 646 1.09 -2.61 -30.07
C ARG A 646 1.42 -2.95 -31.51
N GLU A 647 0.43 -2.86 -32.40
CA GLU A 647 0.68 -3.14 -33.81
C GLU A 647 1.72 -2.18 -34.38
N ILE A 648 1.63 -0.90 -34.02
CA ILE A 648 2.59 0.08 -34.51
C ILE A 648 3.98 -0.24 -34.01
N LEU A 649 4.11 -0.58 -32.74
CA LEU A 649 5.43 -0.89 -32.19
C LEU A 649 6.02 -2.13 -32.85
N LEU A 650 5.19 -3.16 -33.06
CA LEU A 650 5.69 -4.36 -33.73
C LEU A 650 6.16 -4.04 -35.14
N HIS A 651 5.38 -3.25 -35.87
CA HIS A 651 5.76 -2.90 -37.23
C HIS A 651 7.04 -2.08 -37.24
N THR A 652 7.19 -1.15 -36.30
CA THR A 652 8.40 -0.35 -36.24
C THR A 652 9.62 -1.20 -35.91
N LYS A 653 9.48 -2.15 -34.99
CA LYS A 653 10.59 -3.05 -34.70
C LYS A 653 10.96 -3.86 -35.93
N GLU A 654 9.96 -4.37 -36.65
CA GLU A 654 10.24 -5.13 -37.85
C GLU A 654 10.94 -4.29 -38.91
N MET A 655 10.49 -3.04 -39.08
CA MET A 655 11.13 -2.16 -40.05
C MET A 655 12.58 -1.88 -39.68
N VAL A 656 12.83 -1.56 -38.41
CA VAL A 656 14.20 -1.22 -38.00
C VAL A 656 15.11 -2.44 -38.14
N GLN A 657 14.61 -3.61 -37.75
CA GLN A 657 15.41 -4.82 -37.89
C GLN A 657 15.68 -5.14 -39.36
N LYS A 658 14.70 -4.91 -40.22
CA LYS A 658 14.87 -5.13 -41.65
C LYS A 658 15.89 -4.18 -42.26
N MET A 659 16.27 -3.12 -41.55
CA MET A 659 17.28 -2.19 -42.02
C MET A 659 18.69 -2.63 -41.66
N ASN A 660 18.84 -3.83 -41.09
CA ASN A 660 20.14 -4.35 -40.68
C ASN A 660 20.69 -3.56 -39.50
N LEU A 661 19.80 -3.16 -38.59
CA LEU A 661 20.17 -2.44 -37.38
C LEU A 661 19.70 -3.20 -36.16
N GLU A 662 20.54 -3.25 -35.14
CA GLU A 662 20.27 -3.99 -33.92
C GLU A 662 19.23 -3.27 -33.07
N VAL A 663 18.28 -4.01 -32.52
CA VAL A 663 17.25 -3.48 -31.63
C VAL A 663 17.47 -4.11 -30.26
N ILE A 664 17.54 -3.27 -29.23
CA ILE A 664 17.90 -3.74 -27.90
C ILE A 664 16.85 -3.43 -26.83
N TYR A 665 15.82 -2.65 -27.13
CA TYR A 665 14.86 -2.28 -26.10
C TYR A 665 13.73 -1.49 -26.74
N GLY A 666 12.60 -1.43 -26.03
CA GLY A 666 11.48 -0.60 -26.43
C GLY A 666 10.32 -0.74 -25.48
N ASP A 667 9.69 0.38 -25.07
CA ASP A 667 8.63 0.36 -24.08
C ASP A 667 7.43 1.13 -24.62
N THR A 668 6.64 0.45 -25.45
CA THR A 668 5.29 0.85 -25.84
C THR A 668 5.27 2.05 -26.79
N ASP A 669 6.37 2.79 -26.90
CA ASP A 669 6.45 3.78 -27.97
C ASP A 669 7.87 4.04 -28.46
N SER A 670 8.88 3.33 -27.96
CA SER A 670 10.27 3.74 -28.17
C SER A 670 11.10 2.55 -28.62
N ILE A 671 12.25 2.86 -29.21
CA ILE A 671 13.17 1.86 -29.73
C ILE A 671 14.59 2.29 -29.39
N MET A 672 15.40 1.32 -28.94
CA MET A 672 16.82 1.54 -28.70
C MET A 672 17.61 0.75 -29.74
N ILE A 673 18.55 1.41 -30.40
CA ILE A 673 19.32 0.83 -31.48
C ILE A 673 20.79 0.90 -31.11
N ASN A 674 21.54 -0.15 -31.45
CA ASN A 674 22.99 -0.17 -31.24
C ASN A 674 23.66 0.20 -32.55
N THR A 675 24.16 1.44 -32.61
CA THR A 675 24.77 1.93 -33.85
C THR A 675 26.10 1.26 -34.14
N ASN A 676 26.79 0.76 -33.12
CA ASN A 676 28.12 0.18 -33.27
C ASN A 676 29.06 1.14 -34.00
N CYS A 677 28.94 2.43 -33.68
CA CYS A 677 29.77 3.47 -34.27
C CYS A 677 30.40 4.27 -33.15
N ASN A 678 31.51 4.94 -33.47
CA ASN A 678 32.17 5.83 -32.54
C ASN A 678 32.14 7.29 -32.94
N ASN A 679 31.66 7.61 -34.15
CA ASN A 679 31.58 8.99 -34.62
C ASN A 679 30.16 9.49 -34.47
N LEU A 680 30.00 10.68 -33.91
CA LEU A 680 28.66 11.19 -33.60
C LEU A 680 27.93 11.66 -34.86
N GLU A 681 28.66 12.24 -35.82
CA GLU A 681 28.01 12.73 -37.04
C GLU A 681 27.33 11.59 -37.78
N GLU A 682 28.02 10.45 -37.91
CA GLU A 682 27.42 9.30 -38.56
C GLU A 682 26.21 8.80 -37.77
N VAL A 683 26.29 8.86 -36.45
CA VAL A 683 25.16 8.44 -35.63
C VAL A 683 23.94 9.31 -35.92
N PHE A 684 24.15 10.62 -36.01
CA PHE A 684 23.05 11.53 -36.32
C PHE A 684 22.51 11.27 -37.71
N LYS A 685 23.40 11.02 -38.68
CA LYS A 685 22.95 10.73 -40.04
C LYS A 685 22.08 9.49 -40.07
N LEU A 686 22.52 8.43 -39.40
CA LEU A 686 21.73 7.20 -39.37
C LEU A 686 20.40 7.42 -38.66
N GLY A 687 20.42 8.20 -37.57
CA GLY A 687 19.18 8.49 -36.88
C GLY A 687 18.19 9.21 -37.76
N ASN A 688 18.66 10.22 -38.50
CA ASN A 688 17.77 10.94 -39.40
C ASN A 688 17.24 10.01 -40.49
N ARG A 689 18.12 9.18 -41.04
CA ARG A 689 17.69 8.20 -42.03
C ARG A 689 16.54 7.37 -41.50
N VAL A 690 16.78 6.64 -40.41
CA VAL A 690 15.79 5.70 -39.90
C VAL A 690 14.51 6.43 -39.48
N LYS A 691 14.64 7.62 -38.91
CA LYS A 691 13.47 8.39 -38.53
C LYS A 691 12.63 8.74 -39.74
N SER A 692 13.27 9.16 -40.84
CA SER A 692 12.52 9.46 -42.04
C SER A 692 11.82 8.21 -42.57
N GLU A 693 12.53 7.07 -42.58
CA GLU A 693 11.91 5.85 -43.08
C GLU A 693 10.70 5.47 -42.25
N ILE A 694 10.82 5.57 -40.93
CA ILE A 694 9.69 5.21 -40.07
C ILE A 694 8.53 6.18 -40.27
N ASN A 695 8.82 7.48 -40.31
CA ASN A 695 7.74 8.46 -40.47
C ASN A 695 7.05 8.33 -41.82
N LYS A 696 7.73 7.76 -42.80
CA LYS A 696 7.16 7.66 -44.14
C LYS A 696 5.84 6.87 -44.16
N SER A 697 5.60 6.04 -43.15
CA SER A 697 4.46 5.12 -43.15
C SER A 697 3.24 5.66 -42.42
N TYR A 698 3.25 6.91 -41.98
CA TYR A 698 2.15 7.42 -41.17
C TYR A 698 1.76 8.82 -41.62
N LYS A 699 0.51 9.18 -41.32
CA LYS A 699 -0.05 10.47 -41.71
C LYS A 699 0.18 11.55 -40.66
N LEU A 700 0.00 11.21 -39.39
CA LEU A 700 0.23 12.14 -38.29
C LEU A 700 1.34 11.71 -37.35
N LEU A 701 1.40 10.44 -36.98
CA LEU A 701 2.44 9.96 -36.08
C LEU A 701 3.81 10.32 -36.61
N GLU A 702 4.65 10.86 -35.72
CA GLU A 702 6.00 11.27 -36.04
C GLU A 702 6.96 10.68 -35.02
N ILE A 703 8.12 10.24 -35.49
CA ILE A 703 9.16 9.67 -34.64
C ILE A 703 10.35 10.63 -34.66
N ASP A 704 10.84 10.99 -33.47
CA ASP A 704 11.94 11.90 -33.33
C ASP A 704 13.01 11.27 -32.45
N ILE A 705 14.24 11.76 -32.61
CA ILE A 705 15.39 11.21 -31.89
C ILE A 705 15.31 11.70 -30.45
N ASP A 706 15.03 10.77 -29.53
CA ASP A 706 14.89 11.14 -28.12
C ASP A 706 16.25 11.43 -27.49
N GLY A 707 17.25 10.61 -27.78
CA GLY A 707 18.56 10.82 -27.16
C GLY A 707 19.58 9.86 -27.72
N ILE A 708 20.83 10.22 -27.52
CA ILE A 708 21.97 9.40 -27.92
C ILE A 708 22.80 9.10 -26.67
N PHE A 709 22.92 7.82 -26.35
CA PHE A 709 23.64 7.36 -25.17
C PHE A 709 25.04 6.92 -25.57
N LYS A 710 26.06 7.54 -24.99
CA LYS A 710 27.43 7.13 -25.27
C LYS A 710 27.70 5.73 -24.68
N SER A 711 27.19 5.46 -23.50
CA SER A 711 27.31 4.15 -22.88
C SER A 711 26.01 3.79 -22.18
N LEU A 712 25.70 2.50 -22.14
CA LEU A 712 24.45 2.04 -21.56
C LEU A 712 24.71 0.78 -20.74
N LEU A 713 23.89 0.61 -19.70
CA LEU A 713 23.91 -0.58 -18.84
C LEU A 713 22.48 -1.07 -18.75
N LEU A 714 22.08 -1.91 -19.71
CA LEU A 714 20.71 -2.40 -19.76
C LEU A 714 20.58 -3.59 -18.82
N LEU A 715 19.84 -3.41 -17.73
CA LEU A 715 19.71 -4.46 -16.71
C LEU A 715 18.47 -5.31 -16.94
N LYS A 716 17.30 -4.68 -16.92
CA LYS A 716 16.04 -5.40 -17.11
C LYS A 716 15.08 -4.49 -17.87
N LYS A 717 13.82 -4.89 -17.93
CA LYS A 717 12.78 -4.03 -18.49
C LYS A 717 12.55 -2.84 -17.58
N LYS A 718 12.56 -1.65 -18.17
CA LYS A 718 12.34 -0.41 -17.43
C LYS A 718 13.43 -0.16 -16.39
N LYS A 719 14.66 -0.56 -16.70
CA LYS A 719 15.78 -0.36 -15.76
C LYS A 719 17.07 -0.25 -16.57
N TYR A 720 17.56 0.98 -16.73
CA TYR A 720 18.87 1.18 -17.33
C TYR A 720 19.40 2.55 -16.93
N ALA A 721 20.72 2.69 -17.04
CA ALA A 721 21.41 3.95 -16.82
C ALA A 721 22.29 4.22 -18.03
N ALA A 722 22.39 5.48 -18.43
CA ALA A 722 23.14 5.83 -19.64
C ALA A 722 23.79 7.18 -19.47
N LEU A 723 24.83 7.40 -20.28
CA LEU A 723 25.50 8.70 -20.36
C LEU A 723 24.93 9.45 -21.55
N THR A 724 23.80 10.13 -21.32
CA THR A 724 23.14 10.87 -22.38
C THR A 724 24.09 11.92 -22.94
N VAL A 725 24.07 12.10 -24.25
CA VAL A 725 24.97 13.01 -24.94
C VAL A 725 24.16 14.19 -25.45
N GLU A 726 24.57 15.39 -25.06
CA GLU A 726 23.94 16.64 -25.49
C GLU A 726 24.98 17.48 -26.21
N PRO A 727 24.93 17.58 -27.54
CA PRO A 727 26.02 18.26 -28.26
C PRO A 727 26.16 19.70 -27.81
N THR A 728 27.41 20.16 -27.73
CA THR A 728 27.72 21.53 -27.36
C THR A 728 27.97 22.43 -28.57
N GLY A 729 28.44 21.86 -29.68
CA GLY A 729 28.69 22.63 -30.89
C GLY A 729 30.08 22.37 -31.42
N ASP A 730 30.23 22.46 -32.75
CA ASP A 730 31.52 22.28 -33.40
C ASP A 730 32.12 20.92 -33.05
N GLY A 731 31.27 19.90 -32.96
CA GLY A 731 31.71 18.58 -32.62
C GLY A 731 31.93 18.34 -31.15
N LYS A 732 31.68 19.35 -30.31
CA LYS A 732 31.85 19.22 -28.86
C LYS A 732 30.52 18.84 -28.23
N TYR A 733 30.53 17.81 -27.40
CA TYR A 733 29.32 17.33 -26.75
C TYR A 733 29.57 17.16 -25.27
N VAL A 734 28.51 17.34 -24.48
CA VAL A 734 28.56 17.18 -23.03
C VAL A 734 27.72 15.98 -22.64
N THR A 735 28.22 15.19 -21.71
CA THR A 735 27.57 13.96 -21.28
C THR A 735 26.86 14.17 -19.96
N LYS A 736 25.58 13.86 -19.93
CA LYS A 736 24.76 14.00 -18.73
C LYS A 736 24.21 12.63 -18.35
N GLN A 737 24.34 12.28 -17.07
CA GLN A 737 23.87 10.99 -16.61
C GLN A 737 22.35 10.94 -16.67
N GLU A 738 21.81 9.74 -16.84
CA GLU A 738 20.37 9.56 -16.94
C GLU A 738 20.04 8.15 -16.46
N LEU A 739 19.31 8.07 -15.36
CA LEU A 739 18.92 6.80 -14.75
C LEU A 739 17.42 6.60 -14.92
N LYS A 740 17.02 5.39 -15.27
CA LYS A 740 15.62 5.07 -15.51
C LYS A 740 15.30 3.77 -14.77
N GLY A 741 14.48 3.86 -13.74
CA GLY A 741 13.88 2.70 -13.13
C GLY A 741 14.75 1.97 -12.13
N LEU A 742 16.03 2.31 -12.02
CA LEU A 742 16.90 1.60 -11.10
C LEU A 742 16.43 1.81 -9.66
N ASP A 743 17.04 1.05 -8.75
CA ASP A 743 16.73 1.22 -7.33
C ASP A 743 17.31 2.53 -6.80
N ILE A 744 18.32 3.08 -7.49
CA ILE A 744 18.89 4.36 -7.08
C ILE A 744 17.89 5.50 -7.23
N VAL A 745 16.83 5.30 -8.01
CA VAL A 745 15.88 6.37 -8.29
C VAL A 745 14.56 6.05 -7.60
N ARG A 746 14.61 5.28 -6.52
CA ARG A 746 13.44 4.91 -5.76
C ARG A 746 13.59 5.38 -4.33
N ARG A 747 12.52 5.95 -3.78
CA ARG A 747 12.56 6.49 -2.43
C ARG A 747 12.57 5.42 -1.35
N ASP A 748 12.34 4.15 -1.71
CA ASP A 748 12.28 3.06 -0.73
C ASP A 748 13.63 2.40 -0.48
N TRP A 749 14.73 3.13 -0.64
CA TRP A 749 16.05 2.60 -0.33
C TRP A 749 16.82 3.62 0.50
N CYS A 750 17.66 3.12 1.40
CA CYS A 750 18.42 4.02 2.25
C CYS A 750 19.39 4.84 1.41
N GLU A 751 19.55 6.11 1.79
CA GLU A 751 20.33 7.03 0.96
C GLU A 751 21.78 6.58 0.86
N LEU A 752 22.28 5.82 1.84
CA LEU A 752 23.59 5.20 1.70
C LEU A 752 23.62 4.31 0.47
N ALA A 753 22.60 3.48 0.29
CA ALA A 753 22.55 2.61 -0.88
C ALA A 753 22.47 3.44 -2.16
N LYS A 754 21.69 4.52 -2.16
CA LYS A 754 21.60 5.36 -3.34
C LYS A 754 22.95 5.96 -3.68
N GLN A 755 23.69 6.43 -2.68
CA GLN A 755 25.01 7.00 -2.93
C GLN A 755 25.97 5.95 -3.47
N ALA A 756 25.96 4.76 -2.88
CA ALA A 756 26.84 3.70 -3.34
C ALA A 756 26.52 3.34 -4.78
N GLY A 757 25.23 3.20 -5.10
CA GLY A 757 24.85 2.85 -6.46
C GLY A 757 25.20 3.94 -7.45
N ASN A 758 25.04 5.20 -7.05
CA ASN A 758 25.40 6.29 -7.94
C ASN A 758 26.89 6.27 -8.24
N TYR A 759 27.72 6.08 -7.22
CA TYR A 759 29.16 6.00 -7.47
C TYR A 759 29.49 4.82 -8.36
N VAL A 760 28.87 3.66 -8.09
CA VAL A 760 29.20 2.46 -8.86
C VAL A 760 28.82 2.67 -10.32
N ILE A 761 27.65 3.24 -10.58
CA ILE A 761 27.24 3.49 -11.95
C ILE A 761 28.19 4.48 -12.60
N SER A 762 28.59 5.51 -11.86
CA SER A 762 29.52 6.49 -12.42
C SER A 762 30.83 5.83 -12.83
N GLN A 763 31.34 4.94 -11.99
CA GLN A 763 32.56 4.22 -12.34
C GLN A 763 32.35 3.34 -13.56
N ILE A 764 31.23 2.63 -13.60
CA ILE A 764 31.00 1.66 -14.67
C ILE A 764 30.87 2.36 -16.02
N LEU A 765 30.11 3.47 -16.04
CA LEU A 765 29.83 4.15 -17.30
C LEU A 765 31.01 4.98 -17.79
N SER A 766 32.05 5.16 -16.98
CA SER A 766 33.19 5.96 -17.39
C SER A 766 34.02 5.21 -18.43
N ASP A 767 34.98 5.92 -19.01
CA ASP A 767 35.86 5.37 -20.03
C ASP A 767 37.14 4.79 -19.46
N GLN A 768 37.27 4.75 -18.14
CA GLN A 768 38.48 4.21 -17.54
C GLN A 768 38.65 2.75 -17.95
N PRO A 769 39.88 2.24 -17.94
CA PRO A 769 40.07 0.81 -18.24
C PRO A 769 39.33 -0.06 -17.23
N ARG A 770 38.91 -1.24 -17.71
CA ARG A 770 38.02 -2.06 -16.91
C ARG A 770 38.68 -2.45 -15.59
N ASP A 771 39.97 -2.74 -15.61
CA ASP A 771 40.67 -3.13 -14.38
C ASP A 771 40.59 -2.01 -13.36
N SER A 772 40.83 -0.77 -13.79
CA SER A 772 40.73 0.37 -12.89
C SER A 772 39.32 0.52 -12.37
N ILE A 773 38.31 0.26 -13.22
CA ILE A 773 36.93 0.37 -12.78
C ILE A 773 36.64 -0.62 -11.67
N VAL A 774 37.04 -1.87 -11.86
CA VAL A 774 36.78 -2.89 -10.84
C VAL A 774 37.55 -2.57 -9.56
N GLU A 775 38.80 -2.11 -9.69
CA GLU A 775 39.58 -1.77 -8.51
C GLU A 775 38.93 -0.62 -7.74
N ASN A 776 38.45 0.40 -8.45
CA ASN A 776 37.79 1.52 -7.79
C ASN A 776 36.50 1.08 -7.11
N ILE A 777 35.75 0.19 -7.77
CA ILE A 777 34.52 -0.34 -7.16
C ILE A 777 34.85 -1.07 -5.87
N GLN A 778 35.84 -1.94 -5.89
CA GLN A 778 36.23 -2.66 -4.68
C GLN A 778 36.68 -1.69 -3.59
N LYS A 779 37.51 -0.70 -3.94
CA LYS A 779 38.01 0.22 -2.93
C LYS A 779 36.87 1.01 -2.30
N LYS A 780 35.95 1.53 -3.13
CA LYS A 780 34.84 2.31 -2.59
C LYS A 780 33.94 1.44 -1.73
N LEU A 781 33.68 0.20 -2.16
CA LEU A 781 32.84 -0.67 -1.36
C LEU A 781 33.49 -0.99 -0.02
N THR A 782 34.80 -1.21 -0.02
CA THR A 782 35.49 -1.42 1.25
C THR A 782 35.39 -0.19 2.14
N GLU A 783 35.55 0.99 1.55
CA GLU A 783 35.44 2.22 2.35
C GLU A 783 34.05 2.37 2.94
N ILE A 784 33.02 2.10 2.15
CA ILE A 784 31.65 2.24 2.65
C ILE A 784 31.37 1.20 3.73
N GLY A 785 31.90 -0.01 3.57
CA GLY A 785 31.75 -1.02 4.60
C GLY A 785 32.40 -0.59 5.90
N GLU A 786 33.61 -0.05 5.82
CA GLU A 786 34.28 0.44 7.03
C GLU A 786 33.48 1.58 7.66
N ASN A 787 32.96 2.49 6.84
CA ASN A 787 32.19 3.60 7.37
C ASN A 787 30.94 3.11 8.10
N VAL A 788 30.25 2.12 7.52
CA VAL A 788 29.06 1.59 8.17
C VAL A 788 29.44 0.87 9.45
N THR A 789 30.54 0.12 9.43
CA THR A 789 30.94 -0.63 10.62
C THR A 789 31.35 0.30 11.75
N ASN A 790 31.96 1.44 11.44
CA ASN A 790 32.41 2.38 12.45
C ASN A 790 31.37 3.42 12.81
N GLY A 791 30.18 3.36 12.22
CA GLY A 791 29.13 4.30 12.58
C GLY A 791 29.40 5.73 12.15
N THR A 792 30.28 5.94 11.18
CA THR A 792 30.67 7.29 10.78
C THR A 792 29.72 7.90 9.75
N VAL A 793 28.76 7.14 9.26
CA VAL A 793 27.80 7.68 8.29
C VAL A 793 26.82 8.59 9.02
N PRO A 794 26.38 9.70 8.42
CA PRO A 794 25.35 10.50 9.06
C PRO A 794 24.04 9.72 9.16
N ILE A 795 23.27 10.02 10.21
CA ILE A 795 22.13 9.17 10.54
C ILE A 795 21.07 9.25 9.46
N THR A 796 20.90 10.43 8.84
CA THR A 796 19.85 10.58 7.85
C THR A 796 20.05 9.63 6.68
N GLN A 797 21.29 9.21 6.41
CA GLN A 797 21.54 8.30 5.31
C GLN A 797 20.89 6.94 5.50
N TYR A 798 20.47 6.60 6.73
CA TYR A 798 19.82 5.33 6.99
C TYR A 798 18.31 5.40 6.87
N GLU A 799 17.76 6.56 6.52
CA GLU A 799 16.31 6.69 6.40
C GLU A 799 15.83 6.01 5.13
N ILE A 800 14.67 5.38 5.22
CA ILE A 800 14.00 4.77 4.08
C ILE A 800 12.56 5.26 4.07
N ASN A 801 12.09 5.72 2.92
CA ASN A 801 10.79 6.37 2.79
C ASN A 801 9.79 5.45 2.11
N LYS A 802 8.62 5.28 2.73
CA LYS A 802 7.52 4.53 2.17
C LYS A 802 6.24 5.31 2.41
N ALA A 803 5.43 5.47 1.36
CA ALA A 803 4.19 6.23 1.48
C ALA A 803 3.08 5.37 2.07
N LEU A 804 1.93 6.01 2.30
CA LEU A 804 0.75 5.38 2.85
C LEU A 804 -0.36 5.36 1.82
N THR A 805 -1.14 4.27 1.82
CA THR A 805 -2.29 4.11 0.93
C THR A 805 -3.61 4.43 1.61
N LYS A 806 -3.74 4.10 2.89
CA LYS A 806 -4.94 4.41 3.65
C LYS A 806 -4.54 5.04 4.98
N ASP A 807 -5.53 5.30 5.82
CA ASP A 807 -5.26 5.80 7.17
C ASP A 807 -4.51 4.73 7.97
N PRO A 808 -3.68 5.14 8.93
CA PRO A 808 -2.91 4.15 9.70
C PRO A 808 -3.77 3.10 10.38
N GLN A 809 -4.95 3.48 10.87
CA GLN A 809 -5.83 2.50 11.50
C GLN A 809 -6.39 1.54 10.47
N ASP A 810 -6.90 2.06 9.35
CA ASP A 810 -7.59 1.23 8.37
C ASP A 810 -6.71 0.13 7.80
N TYR A 811 -5.42 0.13 8.07
CA TYR A 811 -4.57 -0.94 7.60
C TYR A 811 -4.89 -2.21 8.36
N PRO A 812 -5.28 -3.29 7.69
CA PRO A 812 -5.54 -4.55 8.41
C PRO A 812 -4.30 -5.03 9.15
N ASP A 813 -4.53 -6.04 9.99
CA ASP A 813 -3.44 -6.62 10.77
C ASP A 813 -2.66 -7.64 9.95
N LYS A 814 -2.21 -7.24 8.76
CA LYS A 814 -1.38 -8.09 7.92
C LYS A 814 0.04 -7.96 8.47
N LYS A 815 0.28 -8.63 9.59
CA LYS A 815 1.49 -8.44 10.38
C LYS A 815 1.57 -6.95 10.68
N SER A 816 2.62 -6.24 10.27
CA SER A 816 2.66 -4.79 10.41
C SER A 816 3.66 -4.27 9.38
N LEU A 817 3.14 -3.63 8.34
CA LEU A 817 4.02 -3.07 7.32
C LEU A 817 4.95 -2.05 7.98
N PRO A 818 6.26 -2.09 7.69
CA PRO A 818 7.19 -1.25 8.45
C PRO A 818 6.73 0.19 8.60
N HIS A 819 6.53 0.88 7.47
CA HIS A 819 6.09 2.28 7.55
C HIS A 819 4.84 2.40 8.40
N VAL A 820 3.85 1.55 8.13
CA VAL A 820 2.60 1.63 8.88
C VAL A 820 2.88 1.54 10.38
N HIS A 821 3.72 0.59 10.78
CA HIS A 821 4.13 0.51 12.18
C HIS A 821 4.52 1.89 12.69
N VAL A 822 5.56 2.48 12.08
CA VAL A 822 6.02 3.79 12.53
C VAL A 822 4.88 4.79 12.44
N ALA A 823 4.08 4.70 11.38
CA ALA A 823 2.94 5.60 11.23
C ALA A 823 2.11 5.60 12.49
N LEU A 824 1.75 4.41 12.97
CA LEU A 824 0.92 4.34 14.16
C LEU A 824 1.61 5.03 15.34
N TRP A 825 2.91 4.78 15.51
CA TRP A 825 3.65 5.44 16.57
C TRP A 825 3.49 6.96 16.47
N ILE A 826 3.57 7.50 15.25
CA ILE A 826 3.46 8.95 15.10
C ILE A 826 2.12 9.42 15.63
N ASN A 827 1.05 8.67 15.34
CA ASN A 827 -0.25 9.04 15.87
C ASN A 827 -0.32 8.77 17.37
N SER A 828 0.39 7.75 17.85
CA SER A 828 0.45 7.52 19.29
C SER A 828 1.02 8.74 20.00
N GLN A 829 2.06 9.34 19.45
CA GLN A 829 2.67 10.51 20.04
C GLN A 829 1.79 11.74 19.84
N GLY A 830 2.09 12.80 20.59
CA GLY A 830 1.31 14.01 20.54
C GLY A 830 1.70 14.95 19.41
N GLY A 831 1.28 14.62 18.18
CA GLY A 831 1.59 15.44 17.04
C GLY A 831 0.52 15.29 15.97
N ARG A 832 0.62 16.13 14.95
CA ARG A 832 -0.33 16.09 13.84
C ARG A 832 -0.33 14.69 13.21
N LYS A 833 -1.53 14.15 13.01
CA LYS A 833 -1.63 12.77 12.55
C LYS A 833 -1.11 12.65 11.12
N VAL A 834 -0.84 11.41 10.72
CA VAL A 834 -0.39 11.08 9.37
C VAL A 834 -1.50 10.31 8.68
N LYS A 835 -2.08 10.90 7.66
CA LYS A 835 -3.20 10.30 6.93
C LYS A 835 -2.67 9.59 5.68
N ALA A 836 -3.59 9.17 4.82
CA ALA A 836 -3.22 8.43 3.63
C ALA A 836 -2.39 9.29 2.68
N GLY A 837 -1.53 8.65 1.91
CA GLY A 837 -0.67 9.34 0.98
C GLY A 837 0.34 10.25 1.66
N ASP A 838 0.96 9.76 2.73
CA ASP A 838 1.96 10.52 3.46
C ASP A 838 3.25 9.71 3.55
N THR A 839 4.36 10.30 3.14
CA THR A 839 5.64 9.62 3.20
C THR A 839 6.12 9.54 4.64
N ILE A 840 6.66 8.38 5.01
CA ILE A 840 7.18 8.14 6.36
C ILE A 840 8.56 7.54 6.24
N SER A 841 9.52 8.16 6.91
CA SER A 841 10.91 7.70 6.90
C SER A 841 11.16 6.90 8.18
N TYR A 842 11.58 5.65 8.03
CA TYR A 842 11.85 4.77 9.16
C TYR A 842 13.25 4.21 9.05
N VAL A 843 13.85 3.94 10.21
CA VAL A 843 15.18 3.33 10.30
C VAL A 843 15.05 2.00 11.02
N ILE A 844 15.54 0.93 10.38
CA ILE A 844 15.53 -0.40 10.98
C ILE A 844 16.73 -0.50 11.91
N CYS A 845 16.47 -0.75 13.19
CA CYS A 845 17.49 -0.66 14.23
C CYS A 845 17.45 -1.88 15.13
N GLN A 846 18.59 -2.19 15.73
CA GLN A 846 18.68 -3.24 16.73
C GLN A 846 17.87 -2.87 17.96
N ASP A 847 17.12 -3.85 18.49
CA ASP A 847 16.39 -3.65 19.74
C ASP A 847 16.50 -4.86 20.66
N GLY A 848 17.33 -5.84 20.32
CA GLY A 848 17.41 -7.04 21.12
C GLY A 848 16.24 -7.98 20.98
N SER A 849 15.32 -7.71 20.06
CA SER A 849 14.08 -8.47 19.98
C SER A 849 14.21 -9.78 19.23
N ASN A 850 15.30 -9.98 18.49
CA ASN A 850 15.50 -11.24 17.75
C ASN A 850 14.30 -11.52 16.85
N LEU A 851 13.76 -10.46 16.25
CA LEU A 851 12.58 -10.54 15.40
C LEU A 851 12.96 -10.12 13.99
N SER A 852 12.01 -10.29 13.07
CA SER A 852 12.26 -9.97 11.67
C SER A 852 12.48 -8.47 11.50
N ALA A 853 13.25 -8.12 10.47
CA ALA A 853 13.56 -6.71 10.22
C ALA A 853 12.29 -5.91 9.97
N SER A 854 11.35 -6.47 9.21
CA SER A 854 10.11 -5.76 8.91
C SER A 854 9.44 -5.21 10.15
N GLN A 855 9.64 -5.84 11.30
CA GLN A 855 8.93 -5.48 12.53
C GLN A 855 9.77 -4.62 13.47
N ARG A 856 10.90 -4.08 13.00
CA ARG A 856 11.75 -3.23 13.82
C ARG A 856 11.86 -1.82 13.26
N ALA A 857 10.95 -1.41 12.39
CA ALA A 857 10.99 -0.06 11.85
C ALA A 857 10.86 0.96 12.97
N TYR A 858 11.69 2.00 12.91
CA TYR A 858 11.74 3.02 13.94
C TYR A 858 11.97 4.39 13.32
N ALA A 859 11.34 5.40 13.92
CA ALA A 859 11.59 6.76 13.51
C ALA A 859 12.97 7.21 13.98
N GLN A 860 13.52 8.22 13.30
CA GLN A 860 14.86 8.68 13.66
C GLN A 860 14.86 9.26 15.06
N GLU A 861 13.80 10.00 15.43
CA GLU A 861 13.71 10.53 16.76
C GLU A 861 13.67 9.42 17.80
N GLN A 862 12.96 8.33 17.50
CA GLN A 862 12.97 7.18 18.40
C GLN A 862 14.38 6.71 18.69
N LEU A 863 15.20 6.53 17.66
CA LEU A 863 16.57 6.09 17.88
C LEU A 863 17.35 7.12 18.68
N GLN A 864 17.20 8.40 18.33
CA GLN A 864 17.95 9.44 19.04
C GLN A 864 17.53 9.55 20.49
N LYS A 865 16.33 9.08 20.84
CA LYS A 865 15.81 9.20 22.20
C LYS A 865 16.11 7.94 23.02
N GLN A 866 15.61 6.79 22.58
CA GLN A 866 15.79 5.57 23.36
C GLN A 866 17.26 5.18 23.41
N GLU A 867 17.68 4.68 24.57
CA GLU A 867 19.07 4.28 24.78
C GLU A 867 19.30 2.79 24.54
N ASN A 868 18.26 2.03 24.22
CA ASN A 868 18.38 0.60 23.96
C ASN A 868 18.26 0.25 22.48
N LEU A 869 18.19 1.27 21.61
CA LEU A 869 18.02 1.06 20.18
C LEU A 869 19.27 1.53 19.44
N SER A 870 19.80 0.67 18.57
CA SER A 870 20.97 0.98 17.77
C SER A 870 20.74 0.52 16.34
N ILE A 871 21.36 1.23 15.39
CA ILE A 871 21.19 0.90 13.99
C ILE A 871 21.74 -0.48 13.70
N ASP A 872 21.00 -1.25 12.90
CA ASP A 872 21.40 -2.61 12.52
C ASP A 872 22.36 -2.48 11.35
N THR A 873 23.66 -2.39 11.66
CA THR A 873 24.66 -2.23 10.60
C THR A 873 24.65 -3.41 9.65
N GLN A 874 24.60 -4.63 10.19
CA GLN A 874 24.62 -5.81 9.33
C GLN A 874 23.42 -5.81 8.39
N TYR A 875 22.24 -5.43 8.89
CA TYR A 875 21.07 -5.41 8.02
C TYR A 875 21.31 -4.53 6.82
N TYR A 876 21.83 -3.31 7.05
CA TYR A 876 22.06 -2.41 5.94
C TYR A 876 23.10 -2.98 4.98
N LEU A 877 24.24 -3.42 5.52
CA LEU A 877 25.30 -3.96 4.66
C LEU A 877 24.86 -5.19 3.88
N SER A 878 23.83 -5.89 4.33
CA SER A 878 23.43 -7.13 3.69
C SER A 878 22.16 -7.04 2.86
N GLN A 879 21.31 -6.05 3.13
CA GLN A 879 19.98 -5.99 2.53
C GLN A 879 19.64 -4.62 1.96
N GLN A 880 20.52 -3.64 2.08
CA GLN A 880 20.32 -2.35 1.44
C GLN A 880 21.47 -1.97 0.52
N VAL A 881 22.70 -2.29 0.91
CA VAL A 881 23.85 -2.01 0.07
C VAL A 881 24.12 -3.16 -0.89
N HIS A 882 24.14 -4.38 -0.37
CA HIS A 882 24.43 -5.53 -1.23
C HIS A 882 23.39 -5.74 -2.32
N PRO A 883 22.10 -5.80 -2.03
CA PRO A 883 21.15 -6.14 -3.11
C PRO A 883 21.20 -5.18 -4.28
N VAL A 884 21.27 -3.88 -4.01
CA VAL A 884 21.21 -2.89 -5.08
C VAL A 884 22.45 -3.00 -5.96
N VAL A 885 23.63 -3.01 -5.35
CA VAL A 885 24.86 -3.09 -6.13
C VAL A 885 24.96 -4.43 -6.86
N ALA A 886 24.53 -5.51 -6.22
CA ALA A 886 24.56 -6.81 -6.86
C ALA A 886 23.68 -6.83 -8.10
N ARG A 887 22.46 -6.28 -8.00
CA ARG A 887 21.59 -6.21 -9.16
C ARG A 887 22.21 -5.32 -10.24
N ILE A 888 22.80 -4.21 -9.84
CA ILE A 888 23.39 -3.28 -10.81
C ILE A 888 24.55 -3.94 -11.55
N CYS A 889 25.41 -4.67 -10.84
CA CYS A 889 26.64 -5.20 -11.41
C CYS A 889 26.48 -6.61 -11.98
N GLU A 890 25.25 -7.06 -12.22
CA GLU A 890 25.06 -8.41 -12.76
C GLU A 890 25.82 -8.61 -14.06
N PRO A 891 25.76 -7.72 -15.05
CA PRO A 891 26.43 -7.98 -16.33
C PRO A 891 27.88 -7.53 -16.35
N ILE A 892 28.46 -7.26 -15.18
CA ILE A 892 29.82 -6.75 -15.07
C ILE A 892 30.76 -7.90 -14.74
N ASP A 893 31.85 -8.00 -15.49
CA ASP A 893 32.82 -9.05 -15.27
C ASP A 893 33.79 -8.60 -14.17
N GLY A 894 34.06 -9.49 -13.23
CA GLY A 894 34.92 -9.17 -12.11
C GLY A 894 34.19 -9.00 -10.79
N ILE A 895 32.86 -8.89 -10.84
CA ILE A 895 32.05 -8.60 -9.66
C ILE A 895 30.97 -9.66 -9.54
N ASP A 896 30.79 -10.18 -8.34
CA ASP A 896 29.75 -11.16 -8.07
C ASP A 896 29.23 -10.92 -6.66
N SER A 897 28.23 -11.70 -6.25
CA SER A 897 27.64 -11.49 -4.95
C SER A 897 28.66 -11.73 -3.84
N ALA A 898 29.46 -12.79 -3.98
CA ALA A 898 30.46 -13.08 -2.97
C ALA A 898 31.48 -11.96 -2.84
N LEU A 899 31.94 -11.42 -3.97
CA LEU A 899 32.92 -10.35 -3.92
C LEU A 899 32.33 -9.09 -3.29
N ILE A 900 31.09 -8.76 -3.63
CA ILE A 900 30.46 -7.58 -3.03
C ILE A 900 30.33 -7.77 -1.53
N ALA A 901 29.91 -8.97 -1.11
CA ALA A 901 29.80 -9.24 0.32
C ALA A 901 31.16 -9.12 1.01
N MET A 902 32.21 -9.65 0.40
CA MET A 902 33.54 -9.58 0.99
C MET A 902 34.00 -8.13 1.10
N TRP A 903 33.85 -7.35 0.04
CA TRP A 903 34.29 -5.96 0.09
C TRP A 903 33.42 -5.15 1.04
N LEU A 904 32.15 -5.53 1.18
CA LEU A 904 31.32 -4.97 2.24
C LEU A 904 31.69 -5.50 3.62
N GLY A 905 32.60 -6.48 3.69
CA GLY A 905 32.96 -7.11 4.94
C GLY A 905 32.01 -8.19 5.42
N LEU A 906 31.03 -8.56 4.62
CA LEU A 906 30.05 -9.55 5.06
C LEU A 906 30.58 -10.96 4.84
N ASP A 907 29.76 -11.95 5.17
CA ASP A 907 30.12 -13.35 4.96
C ASP A 907 29.58 -13.86 3.63
N PRO A 908 30.43 -14.24 2.67
CA PRO A 908 29.91 -14.68 1.38
C PRO A 908 29.01 -15.90 1.47
N SER A 909 29.06 -16.65 2.57
CA SER A 909 28.29 -17.87 2.71
C SER A 909 26.84 -17.66 2.28
N GLN A 910 26.13 -16.74 2.93
CA GLN A 910 24.72 -16.54 2.64
C GLN A 910 24.51 -16.11 1.19
N PHE A 911 25.56 -15.62 0.55
CA PHE A 911 25.48 -15.15 -0.82
C PHE A 911 26.12 -16.14 -1.79
N ILE B 277 29.94 -82.67 43.26
CA ILE B 277 28.66 -83.35 43.13
C ILE B 277 28.56 -84.01 41.76
N SER B 278 27.80 -85.11 41.70
CA SER B 278 27.64 -85.88 40.49
C SER B 278 26.28 -85.60 39.86
N LEU B 279 26.23 -85.70 38.53
CA LEU B 279 25.00 -85.38 37.82
C LEU B 279 23.87 -86.33 38.18
N GLU B 280 24.18 -87.62 38.30
CA GLU B 280 23.13 -88.62 38.54
C GLU B 280 22.45 -88.38 39.88
N GLN B 281 23.22 -88.06 40.93
CA GLN B 281 22.65 -87.87 42.25
C GLN B 281 21.78 -86.61 42.33
N ILE B 282 21.87 -85.71 41.35
CA ILE B 282 20.97 -84.56 41.33
C ILE B 282 19.53 -85.01 41.23
N ASP B 283 19.27 -86.05 40.45
CA ASP B 283 17.91 -86.59 40.35
C ASP B 283 17.46 -87.11 41.71
N GLY B 284 18.31 -87.87 42.39
CA GLY B 284 17.96 -88.35 43.72
C GLY B 284 17.63 -87.21 44.67
N PHE B 285 18.47 -86.18 44.66
CA PHE B 285 18.20 -85.01 45.49
C PHE B 285 16.84 -84.40 45.15
N ALA B 286 16.56 -84.24 43.86
CA ALA B 286 15.28 -83.67 43.45
C ALA B 286 14.12 -84.51 43.97
N ALA B 287 14.30 -85.83 43.97
CA ALA B 287 13.27 -86.71 44.50
C ALA B 287 13.09 -86.50 45.99
N LYS B 288 14.19 -86.41 46.74
CA LYS B 288 14.15 -86.39 48.20
C LYS B 288 14.67 -85.10 48.79
N SER B 289 15.92 -84.72 48.50
CA SER B 289 16.57 -83.66 49.25
C SER B 289 16.11 -82.26 48.85
N PHE B 290 15.77 -82.05 47.59
CA PHE B 290 15.48 -80.71 47.11
C PHE B 290 14.28 -80.11 47.85
N PRO B 291 14.34 -78.84 48.27
CA PRO B 291 13.13 -78.19 48.80
C PRO B 291 12.08 -78.08 47.71
N LEU B 292 10.84 -77.82 48.15
CA LEU B 292 9.74 -77.80 47.20
C LEU B 292 10.00 -76.84 46.04
N CYS B 293 10.71 -75.73 46.30
CA CYS B 293 11.05 -74.82 45.22
C CYS B 293 11.90 -75.50 44.17
N MET B 294 13.07 -75.99 44.57
CA MET B 294 13.95 -76.68 43.64
C MET B 294 13.33 -77.98 43.16
N ARG B 295 12.47 -78.59 43.97
CA ARG B 295 11.77 -79.80 43.53
C ARG B 295 10.92 -79.48 42.31
N GLN B 296 10.12 -78.43 42.40
CA GLN B 296 9.30 -78.01 41.27
C GLN B 296 10.17 -77.60 40.09
N LEU B 297 11.28 -76.91 40.36
CA LEU B 297 12.15 -76.49 39.26
C LEU B 297 12.70 -77.70 38.52
N HIS B 298 13.15 -78.71 39.26
CA HIS B 298 13.68 -79.92 38.63
C HIS B 298 12.60 -80.66 37.87
N LYS B 299 11.39 -80.75 38.44
CA LYS B 299 10.30 -81.41 37.75
C LYS B 299 10.00 -80.70 36.43
N SER B 300 9.93 -79.37 36.46
CA SER B 300 9.67 -78.61 35.25
C SER B 300 10.79 -78.81 34.23
N LEU B 301 12.04 -78.81 34.68
CA LEU B 301 13.16 -78.97 33.75
C LEU B 301 13.13 -80.35 33.09
N ARG B 302 12.91 -81.39 33.88
CA ARG B 302 12.86 -82.73 33.29
C ARG B 302 11.60 -82.96 32.47
N GLU B 303 10.53 -82.19 32.70
CA GLU B 303 9.37 -82.26 31.84
C GLU B 303 9.61 -81.53 30.52
N ASN B 304 10.32 -80.41 30.57
CA ASN B 304 10.50 -79.53 29.41
C ASN B 304 11.94 -79.46 28.93
N HIS B 305 12.90 -79.84 29.76
CA HIS B 305 14.31 -79.78 29.41
C HIS B 305 14.70 -78.38 28.96
N HIS B 306 14.12 -77.39 29.62
CA HIS B 306 14.42 -75.99 29.37
C HIS B 306 13.77 -75.16 30.46
N LEU B 307 14.48 -74.16 30.95
CA LEU B 307 13.96 -73.23 31.94
C LEU B 307 14.09 -71.81 31.42
N ARG B 308 13.11 -70.97 31.74
CA ARG B 308 13.22 -69.56 31.41
C ARG B 308 14.40 -68.95 32.16
N HIS B 309 14.72 -67.69 31.83
CA HIS B 309 15.91 -67.08 32.40
C HIS B 309 15.86 -67.06 33.92
N GLY B 310 14.72 -66.65 34.49
CA GLY B 310 14.63 -66.60 35.94
C GLY B 310 14.86 -67.97 36.56
N GLY B 311 14.15 -68.98 36.05
CA GLY B 311 14.35 -70.34 36.55
C GLY B 311 15.77 -70.83 36.34
N ARG B 312 16.34 -70.55 35.16
CA ARG B 312 17.72 -70.98 34.91
C ARG B 312 18.67 -70.36 35.92
N MET B 313 18.55 -69.05 36.15
CA MET B 313 19.42 -68.38 37.11
C MET B 313 19.26 -69.00 38.49
N GLN B 314 18.01 -69.14 38.96
CA GLN B 314 17.79 -69.64 40.30
C GLN B 314 18.34 -71.06 40.45
N TYR B 315 18.04 -71.93 39.50
CA TYR B 315 18.46 -73.33 39.60
C TYR B 315 19.97 -73.44 39.50
N GLY B 316 20.59 -72.64 38.62
CA GLY B 316 22.04 -72.66 38.53
C GLY B 316 22.70 -72.22 39.81
N LEU B 317 22.19 -71.15 40.42
CA LEU B 317 22.75 -70.70 41.69
C LEU B 317 22.56 -71.76 42.77
N PHE B 318 21.40 -72.43 42.79
CA PHE B 318 21.19 -73.46 43.79
C PHE B 318 22.16 -74.62 43.57
N LEU B 319 22.37 -75.03 42.31
CA LEU B 319 23.30 -76.10 42.02
C LEU B 319 24.72 -75.70 42.35
N LYS B 320 25.02 -74.41 42.25
CA LYS B 320 26.29 -73.91 42.78
C LYS B 320 26.35 -74.08 44.28
N GLY B 321 25.24 -73.80 44.97
CA GLY B 321 25.22 -73.91 46.42
C GLY B 321 25.45 -75.33 46.89
N ILE B 322 24.81 -76.31 46.24
CA ILE B 322 25.00 -77.70 46.63
C ILE B 322 26.44 -78.13 46.39
N GLY B 323 27.06 -77.61 45.33
CA GLY B 323 28.46 -77.88 45.08
C GLY B 323 28.80 -78.27 43.66
N LEU B 324 27.80 -78.39 42.80
CA LEU B 324 28.04 -78.77 41.41
C LEU B 324 29.04 -77.82 40.78
N THR B 325 30.06 -78.38 40.14
CA THR B 325 31.11 -77.56 39.54
C THR B 325 30.60 -76.88 38.27
N LEU B 326 31.35 -75.89 37.81
CA LEU B 326 31.04 -75.24 36.55
C LEU B 326 31.00 -76.25 35.41
N GLU B 327 32.00 -77.13 35.33
CA GLU B 327 32.00 -78.17 34.31
C GLU B 327 30.81 -79.12 34.47
N GLN B 328 30.53 -79.57 35.69
CA GLN B 328 29.42 -80.50 35.89
C GLN B 328 28.10 -79.86 35.53
N ALA B 329 27.87 -78.62 35.97
CA ALA B 329 26.61 -77.95 35.64
C ALA B 329 26.51 -77.73 34.15
N LEU B 330 27.61 -77.32 33.50
CA LEU B 330 27.60 -77.12 32.06
C LEU B 330 27.24 -78.40 31.32
N GLN B 331 27.86 -79.51 31.72
CA GLN B 331 27.57 -80.80 31.09
C GLN B 331 26.12 -81.19 31.29
N PHE B 332 25.64 -81.12 32.53
CA PHE B 332 24.26 -81.52 32.83
C PHE B 332 23.27 -80.68 32.02
N TRP B 333 23.44 -79.36 32.05
CA TRP B 333 22.51 -78.49 31.36
C TRP B 333 22.57 -78.71 29.85
N ARG B 334 23.78 -78.88 29.31
CA ARG B 334 23.91 -79.17 27.89
C ARG B 334 23.14 -80.43 27.52
N LEU B 335 23.35 -81.51 28.29
CA LEU B 335 22.70 -82.78 28.00
C LEU B 335 21.19 -82.64 28.10
N GLU B 336 20.71 -81.92 29.11
CA GLU B 336 19.27 -81.80 29.30
C GLU B 336 18.65 -80.97 28.19
N PHE B 337 19.31 -79.87 27.80
CA PHE B 337 18.75 -78.99 26.80
C PHE B 337 18.77 -79.63 25.42
N THR B 338 19.76 -80.49 25.16
CA THR B 338 19.82 -81.18 23.88
C THR B 338 18.62 -82.08 23.67
N LYS B 339 18.04 -82.62 24.75
CA LYS B 339 16.93 -83.57 24.62
C LYS B 339 15.63 -82.90 24.16
N GLY B 340 15.60 -81.56 24.10
CA GLY B 340 14.42 -80.87 23.63
C GLY B 340 14.45 -80.69 22.12
N LYS B 341 15.25 -81.51 21.45
CA LYS B 341 15.44 -81.42 20.00
C LYS B 341 16.02 -80.06 19.62
N VAL B 342 17.06 -79.64 20.35
CA VAL B 342 17.80 -78.43 20.04
C VAL B 342 19.27 -78.78 19.93
N ASP B 343 20.00 -77.97 19.15
CA ASP B 343 21.43 -78.15 19.03
C ASP B 343 22.13 -77.87 20.35
N SER B 344 23.16 -78.67 20.65
CA SER B 344 24.04 -78.32 21.76
C SER B 344 25.01 -77.21 21.36
N GLU B 345 25.17 -76.99 20.06
CA GLU B 345 25.99 -75.86 19.60
C GLU B 345 25.35 -74.54 20.00
N LYS B 346 24.03 -74.42 19.83
CA LYS B 346 23.34 -73.21 20.26
C LYS B 346 23.50 -73.02 21.76
N PHE B 347 23.43 -74.13 22.51
CA PHE B 347 23.61 -74.04 23.96
C PHE B 347 24.99 -73.51 24.28
N ASP B 348 26.03 -74.08 23.67
CA ASP B 348 27.37 -73.59 23.93
C ASP B 348 27.51 -72.14 23.52
N LYS B 349 26.76 -71.71 22.50
CA LYS B 349 26.84 -70.33 22.06
C LYS B 349 26.24 -69.38 23.08
N VAL B 350 25.10 -69.76 23.67
CA VAL B 350 24.30 -68.84 24.48
C VAL B 350 24.43 -69.14 25.98
N TYR B 351 24.00 -70.33 26.41
CA TYR B 351 23.97 -70.60 27.83
C TYR B 351 25.37 -70.82 28.41
N ALA B 352 26.38 -71.06 27.57
CA ALA B 352 27.72 -71.27 28.11
C ALA B 352 28.20 -70.02 28.82
N TYR B 353 28.01 -68.86 28.19
CA TYR B 353 28.44 -67.60 28.79
C TYR B 353 27.67 -67.32 30.08
N SER B 354 26.36 -67.57 30.08
CA SER B 354 25.57 -67.35 31.28
C SER B 354 26.03 -68.26 32.41
N ILE B 355 26.20 -69.56 32.12
CA ILE B 355 26.64 -70.50 33.14
C ILE B 355 28.01 -70.09 33.67
N ARG B 356 28.89 -69.64 32.78
CA ARG B 356 30.15 -69.04 33.22
C ARG B 356 29.90 -67.92 34.22
N HIS B 357 28.97 -67.03 33.88
CA HIS B 357 28.77 -65.83 34.68
C HIS B 357 28.25 -66.17 36.07
N ASN B 358 27.19 -66.98 36.14
CA ASN B 358 26.55 -67.25 37.43
C ASN B 358 27.48 -67.94 38.40
N TYR B 359 28.56 -68.53 37.91
CA TYR B 359 29.65 -69.03 38.74
C TYR B 359 30.80 -68.03 38.84
N GLY B 360 30.59 -66.79 38.40
CA GLY B 360 31.59 -65.75 38.50
C GLY B 360 32.84 -66.04 37.69
N LYS B 361 32.64 -66.48 36.45
CA LYS B 361 33.75 -66.84 35.57
C LYS B 361 34.06 -65.77 34.54
N GLU B 362 33.11 -64.87 34.24
CA GLU B 362 33.29 -63.86 33.21
C GLU B 362 32.74 -62.54 33.70
N GLY B 363 32.86 -61.51 32.86
CA GLY B 363 32.32 -60.20 33.22
C GLY B 363 32.94 -59.71 34.50
N LYS B 364 32.09 -59.33 35.46
CA LYS B 364 32.59 -58.90 36.76
C LYS B 364 33.30 -60.02 37.49
N ARG B 365 33.08 -61.27 37.09
CA ARG B 365 33.75 -62.42 37.67
C ARG B 365 33.59 -62.40 39.20
N THR B 366 32.34 -62.48 39.62
CA THR B 366 31.97 -62.50 41.04
C THR B 366 31.22 -63.79 41.33
N ASP B 367 31.58 -64.46 42.41
CA ASP B 367 31.05 -65.79 42.72
C ASP B 367 29.63 -65.61 43.28
N TYR B 368 28.66 -65.46 42.37
CA TYR B 368 27.32 -65.05 42.77
C TYR B 368 26.69 -66.08 43.69
N THR B 369 26.19 -65.61 44.83
CA THR B 369 25.75 -66.48 45.92
C THR B 369 24.34 -67.01 45.67
N PRO B 370 24.04 -68.24 46.10
CA PRO B 370 22.68 -68.77 45.95
C PRO B 370 21.67 -67.98 46.76
N TYR B 371 20.44 -67.92 46.25
CA TYR B 371 19.38 -67.15 46.87
C TYR B 371 18.97 -67.74 48.21
N SER B 372 18.68 -66.86 49.17
CA SER B 372 18.10 -67.25 50.43
C SER B 372 16.58 -67.27 50.35
N CYS B 373 15.95 -68.01 51.26
CA CYS B 373 14.50 -68.12 51.24
C CYS B 373 13.82 -66.76 51.26
N MET B 374 14.38 -65.80 51.99
CA MET B 374 13.79 -64.46 52.00
C MET B 374 13.81 -63.86 50.59
N LYS B 375 14.93 -64.00 49.89
CA LYS B 375 14.99 -63.52 48.52
C LYS B 375 13.97 -64.25 47.65
N VAL B 376 13.92 -65.58 47.76
CA VAL B 376 13.00 -66.36 46.94
C VAL B 376 11.57 -65.88 47.15
N ILE B 377 11.20 -65.60 48.40
CA ILE B 377 9.88 -65.04 48.68
C ILE B 377 9.75 -63.67 48.04
N LEU B 378 10.79 -62.85 48.16
CA LEU B 378 10.79 -61.47 47.68
C LEU B 378 11.43 -61.32 46.31
N SER B 379 11.78 -62.42 45.64
CA SER B 379 12.44 -62.35 44.35
C SER B 379 11.40 -62.06 43.27
N ASN B 380 11.78 -62.21 42.02
CA ASN B 380 10.86 -61.94 40.92
C ASN B 380 9.64 -62.85 41.04
N PRO B 381 8.43 -62.31 41.00
CA PRO B 381 7.24 -63.16 41.08
C PRO B 381 6.99 -63.89 39.77
N PRO B 382 6.88 -65.21 39.79
CA PRO B 382 6.67 -65.93 38.53
C PRO B 382 5.32 -65.61 37.91
N SER B 383 5.28 -65.73 36.58
CA SER B 383 4.09 -65.49 35.78
C SER B 383 3.73 -66.78 35.06
N GLN B 384 2.78 -66.69 34.13
CA GLN B 384 2.40 -67.87 33.37
C GLN B 384 3.62 -68.44 32.65
N GLY B 385 3.77 -69.76 32.70
CA GLY B 385 4.91 -70.42 32.12
C GLY B 385 6.16 -70.41 32.98
N ASP B 386 6.11 -69.78 34.15
CA ASP B 386 7.25 -69.72 35.06
C ASP B 386 7.05 -70.70 36.21
N TYR B 387 8.17 -71.08 36.84
CA TYR B 387 8.13 -72.02 37.95
C TYR B 387 9.07 -71.63 39.09
N HIS B 388 9.67 -70.44 39.06
CA HIS B 388 10.59 -70.03 40.11
C HIS B 388 9.80 -69.53 41.32
N GLY B 389 10.52 -68.94 42.28
CA GLY B 389 9.90 -68.44 43.50
C GLY B 389 9.64 -69.55 44.50
N CYS B 390 9.19 -69.13 45.69
CA CYS B 390 8.88 -70.07 46.74
C CYS B 390 7.49 -70.65 46.51
N PRO B 391 7.34 -71.96 46.33
CA PRO B 391 5.99 -72.50 46.10
C PRO B 391 5.01 -72.14 47.20
N PHE B 392 5.47 -72.13 48.45
CA PHE B 392 4.58 -71.80 49.55
C PHE B 392 4.00 -70.39 49.40
N ARG B 393 4.75 -69.48 48.78
CA ARG B 393 4.30 -68.11 48.60
C ARG B 393 3.65 -67.88 47.24
N HIS B 394 4.13 -68.56 46.19
CA HIS B 394 3.69 -68.30 44.83
C HIS B 394 2.74 -69.38 44.31
N SER B 395 2.26 -70.27 45.18
CA SER B 395 1.30 -71.30 44.82
C SER B 395 0.02 -71.06 45.60
N ASP B 396 -1.11 -71.16 44.91
CA ASP B 396 -2.39 -70.96 45.56
C ASP B 396 -2.63 -72.07 46.60
N PRO B 397 -3.40 -71.78 47.65
CA PRO B 397 -3.56 -72.77 48.72
C PRO B 397 -4.07 -74.11 48.21
N GLU B 398 -4.99 -74.11 47.25
CA GLU B 398 -5.48 -75.36 46.68
C GLU B 398 -4.36 -76.11 45.98
N LEU B 399 -3.54 -75.40 45.21
CA LEU B 399 -2.43 -76.06 44.52
C LEU B 399 -1.43 -76.65 45.52
N LEU B 400 -1.13 -75.91 46.59
CA LEU B 400 -0.21 -76.44 47.59
C LEU B 400 -0.80 -77.65 48.30
N LYS B 401 -2.10 -77.62 48.59
CA LYS B 401 -2.74 -78.78 49.19
C LYS B 401 -2.66 -79.99 48.27
N GLN B 402 -2.94 -79.79 46.98
CA GLN B 402 -2.87 -80.88 46.02
C GLN B 402 -1.45 -81.44 45.94
N LYS B 403 -0.45 -80.56 45.89
CA LYS B 403 0.93 -81.03 45.81
C LYS B 403 1.32 -81.81 47.05
N LEU B 404 0.95 -81.32 48.23
CA LEU B 404 1.26 -82.03 49.46
C LEU B 404 0.58 -83.38 49.50
N GLN B 405 -0.68 -83.45 49.06
CA GLN B 405 -1.36 -84.73 48.99
C GLN B 405 -0.64 -85.68 48.05
N SER B 406 -0.13 -85.16 46.93
CA SER B 406 0.64 -85.98 46.00
C SER B 406 1.86 -86.58 46.69
N PHE B 407 2.48 -85.83 47.60
CA PHE B 407 3.68 -86.28 48.30
C PHE B 407 3.37 -87.22 49.46
N LYS B 408 2.12 -87.66 49.61
CA LYS B 408 1.72 -88.61 50.65
C LYS B 408 1.91 -88.05 52.06
N VAL B 409 1.93 -86.74 52.19
CA VAL B 409 2.07 -86.12 53.51
C VAL B 409 0.81 -86.41 54.34
N PRO B 410 0.93 -86.67 55.64
CA PRO B 410 -0.27 -86.91 56.44
C PRO B 410 -1.18 -85.70 56.47
N SER B 411 -2.49 -85.97 56.53
CA SER B 411 -3.47 -84.89 56.49
C SER B 411 -3.21 -83.85 57.58
N SER B 412 -2.85 -84.30 58.78
CA SER B 412 -2.54 -83.36 59.85
C SER B 412 -1.33 -82.50 59.50
N GLY B 413 -0.29 -83.10 58.92
CA GLY B 413 0.86 -82.32 58.51
C GLY B 413 0.52 -81.31 57.43
N ILE B 414 -0.31 -81.71 56.47
CA ILE B 414 -0.73 -80.81 55.41
C ILE B 414 -1.52 -79.64 56.00
N ASN B 415 -2.42 -79.93 56.94
CA ASN B 415 -3.20 -78.88 57.57
C ASN B 415 -2.29 -77.91 58.34
N GLN B 416 -1.29 -78.45 59.05
CA GLN B 416 -0.36 -77.58 59.78
C GLN B 416 0.43 -76.71 58.83
N ILE B 417 0.88 -77.28 57.71
CA ILE B 417 1.63 -76.49 56.73
C ILE B 417 0.76 -75.41 56.14
N LEU B 418 -0.50 -75.73 55.83
CA LEU B 418 -1.43 -74.73 55.31
C LEU B 418 -1.66 -73.61 56.32
N GLU B 419 -1.82 -73.97 57.59
CA GLU B 419 -2.01 -72.95 58.63
C GLU B 419 -0.79 -72.05 58.71
N LEU B 420 0.41 -72.63 58.66
CA LEU B 420 1.62 -71.83 58.68
C LEU B 420 1.69 -70.91 57.47
N VAL B 421 1.30 -71.41 56.30
CA VAL B 421 1.31 -70.61 55.09
C VAL B 421 0.35 -69.43 55.22
N LYS B 422 -0.86 -69.68 55.73
CA LYS B 422 -1.88 -68.63 55.75
C LYS B 422 -1.45 -67.44 56.58
N GLY B 423 -0.66 -67.66 57.62
CA GLY B 423 -0.10 -66.59 58.40
C GLY B 423 1.20 -66.05 57.84
N MET B 424 1.54 -66.41 56.60
CA MET B 424 2.75 -65.96 55.92
C MET B 424 4.01 -66.55 56.52
N HIS B 425 3.91 -67.73 57.15
CA HIS B 425 5.06 -68.41 57.73
C HIS B 425 5.59 -69.45 56.74
N TYR B 426 6.02 -68.95 55.58
CA TYR B 426 6.50 -69.85 54.54
C TYR B 426 7.82 -70.52 54.94
N GLN B 427 8.67 -69.80 55.68
CA GLN B 427 9.83 -70.46 56.27
C GLN B 427 9.40 -71.53 57.25
N LEU B 428 8.45 -71.22 58.12
CA LEU B 428 7.96 -72.20 59.09
C LEU B 428 7.20 -73.31 58.38
N ALA B 429 6.47 -72.99 57.31
CA ALA B 429 5.78 -74.03 56.55
C ALA B 429 6.77 -74.99 55.93
N CYS B 430 7.86 -74.47 55.36
CA CYS B 430 8.89 -75.34 54.80
C CYS B 430 9.57 -76.15 55.89
N GLN B 431 9.77 -75.56 57.07
CA GLN B 431 10.33 -76.35 58.17
C GLN B 431 9.39 -77.49 58.54
N LYS B 432 8.08 -77.24 58.50
CA LYS B 432 7.13 -78.31 58.75
C LYS B 432 7.22 -79.39 57.69
N TYR B 433 7.36 -78.99 56.42
CA TYR B 433 7.57 -79.96 55.35
C TYR B 433 8.82 -80.79 55.62
N PHE B 434 9.91 -80.13 55.99
CA PHE B 434 11.16 -80.82 56.27
C PHE B 434 10.99 -81.80 57.42
N GLU B 435 10.29 -81.38 58.48
CA GLU B 435 10.02 -82.27 59.61
C GLU B 435 9.23 -83.48 59.18
N LEU B 436 8.18 -83.27 58.36
CA LEU B 436 7.30 -84.37 57.97
C LEU B 436 8.01 -85.34 57.02
N THR B 437 8.78 -84.81 56.07
CA THR B 437 9.39 -85.67 55.05
C THR B 437 10.56 -86.45 55.63
N HIS B 438 11.29 -85.87 56.59
CA HIS B 438 12.44 -86.52 57.18
C HIS B 438 12.11 -87.31 58.44
N SER B 439 10.84 -87.40 58.82
CA SER B 439 10.43 -88.17 59.99
C SER B 439 11.16 -87.69 61.25
N VAL B 440 11.21 -86.38 61.42
CA VAL B 440 11.83 -85.74 62.59
C VAL B 440 10.79 -84.84 63.24
N ASP B 441 10.66 -84.96 64.56
CA ASP B 441 9.66 -84.19 65.30
C ASP B 441 9.90 -82.68 65.17
N ASP B 442 11.15 -82.25 65.28
CA ASP B 442 11.49 -80.82 65.20
C ASP B 442 12.59 -80.61 64.18
N CYS B 443 12.44 -79.53 63.40
CA CYS B 443 13.44 -79.21 62.39
C CYS B 443 14.80 -78.91 63.02
N GLY B 444 14.80 -78.15 64.12
CA GLY B 444 16.03 -77.82 64.80
C GLY B 444 16.86 -76.74 64.15
N PHE B 445 16.38 -76.12 63.07
CA PHE B 445 17.12 -75.07 62.39
C PHE B 445 16.14 -74.07 61.81
N SER B 446 16.59 -72.83 61.69
CA SER B 446 15.76 -71.76 61.12
C SER B 446 16.00 -71.77 59.61
N LEU B 447 15.10 -72.42 58.88
CA LEU B 447 15.22 -72.55 57.45
C LEU B 447 15.15 -71.18 56.78
N ASN B 448 16.27 -70.72 56.21
CA ASN B 448 16.30 -69.44 55.53
C ASN B 448 17.04 -69.50 54.19
N HIS B 449 17.22 -70.70 53.63
CA HIS B 449 17.97 -70.87 52.40
C HIS B 449 17.61 -72.20 51.76
N PRO B 450 17.27 -72.26 50.48
CA PRO B 450 17.06 -73.56 49.84
C PRO B 450 18.25 -74.49 49.96
N ASN B 451 19.46 -73.98 49.69
CA ASN B 451 20.65 -74.80 49.89
C ASN B 451 20.82 -75.19 51.35
N GLN B 452 20.36 -74.35 52.28
CA GLN B 452 20.35 -74.76 53.69
C GLN B 452 19.43 -75.95 53.90
N TYR B 453 18.26 -75.93 53.24
CA TYR B 453 17.39 -77.11 53.24
C TYR B 453 18.14 -78.31 52.69
N PHE B 454 18.92 -78.12 51.63
CA PHE B 454 19.63 -79.23 51.02
C PHE B 454 20.66 -79.81 51.99
N ALA B 455 21.40 -78.94 52.67
CA ALA B 455 22.40 -79.38 53.63
C ALA B 455 21.76 -80.11 54.81
N GLU B 456 20.64 -79.58 55.31
CA GLU B 456 19.95 -80.24 56.42
C GLU B 456 19.42 -81.60 56.00
N SER B 457 18.85 -81.69 54.80
CA SER B 457 18.36 -82.97 54.31
C SER B 457 19.50 -83.98 54.18
N GLN B 458 20.63 -83.54 53.64
CA GLN B 458 21.77 -84.44 53.51
C GLN B 458 22.27 -84.89 54.87
N LYS B 459 22.32 -83.97 55.84
CA LYS B 459 22.75 -84.35 57.19
C LYS B 459 21.83 -85.40 57.78
N LEU B 460 20.51 -85.21 57.65
CA LEU B 460 19.59 -86.19 58.21
C LEU B 460 19.70 -87.54 57.51
N LEU B 461 19.79 -87.53 56.17
CA LEU B 461 19.79 -88.78 55.43
C LEU B 461 21.16 -89.47 55.49
N THR B 462 22.19 -88.81 54.98
CA THR B 462 23.53 -89.38 54.98
C THR B 462 24.11 -89.37 56.39
#